data_4QLY
#
_entry.id   4QLY
#
_cell.length_a   49.710
_cell.length_b   60.913
_cell.length_c   72.561
_cell.angle_alpha   85.57
_cell.angle_beta   98.92
_cell.angle_gamma   111.62
#
_symmetry.space_group_name_H-M   'P 1'
#
loop_
_entity.id
_entity.type
_entity.pdbx_description
1 polymer 'Enone reductase CLA-ER'
2 non-polymer 'FLAVIN MONONUCLEOTIDE'
3 water water
#
_entity_poly.entity_id   1
_entity_poly.type   'polypeptide(L)'
_entity_poly.pdbx_seq_one_letter_code
;GPMSEAVKNLVNNDLADVMFNRHSVRQFDPNVKIGRDELQKMIAEAATAPSACNLQSWHFVVVDTPEAKAKFKQAVMKFN
YPQVDSASAIVFIAGDTQSHYVYRDVWNKVYEDGNITKERLDQILGTFLPLYENATPDFLKFDATIDCSVVGMQLLLVAR
AHGYDANAFSGIDFEKMIPTLGLDPKRYVPVMGIAIGKAAQEPLHTTRYDAKTQTDFLA
;
_entity_poly.pdbx_strand_id   A,B,C,D
#
loop_
_chem_comp.id
_chem_comp.type
_chem_comp.name
_chem_comp.formula
FMN non-polymer 'FLAVIN MONONUCLEOTIDE' 'C17 H21 N4 O9 P'
#
# COMPACT_ATOMS: atom_id res chain seq x y z
N LEU A 10 28.90 -32.51 -6.13
CA LEU A 10 29.07 -31.59 -4.99
C LEU A 10 30.29 -31.92 -4.15
N VAL A 11 31.22 -30.97 -4.04
CA VAL A 11 32.41 -31.13 -3.21
C VAL A 11 32.09 -31.35 -1.72
N ASN A 12 31.06 -30.68 -1.21
CA ASN A 12 30.65 -30.88 0.18
C ASN A 12 29.13 -30.98 0.30
N ASN A 13 28.62 -32.20 0.47
CA ASN A 13 27.19 -32.43 0.60
C ASN A 13 26.80 -32.68 2.06
N ASP A 14 27.69 -32.33 2.97
CA ASP A 14 27.45 -32.53 4.39
C ASP A 14 26.73 -31.32 4.95
N LEU A 15 25.43 -31.44 5.16
CA LEU A 15 24.62 -30.26 5.48
C LEU A 15 25.07 -29.59 6.79
N ALA A 16 25.22 -30.38 7.85
CA ALA A 16 25.69 -29.88 9.14
C ALA A 16 26.99 -29.10 9.00
N ASP A 17 27.95 -29.68 8.29
CA ASP A 17 29.22 -29.01 8.09
C ASP A 17 29.03 -27.70 7.32
N VAL A 18 28.35 -27.78 6.17
CA VAL A 18 28.16 -26.61 5.33
C VAL A 18 27.42 -25.48 6.05
N MET A 19 26.34 -25.82 6.76
CA MET A 19 25.58 -24.80 7.48
C MET A 19 26.17 -24.38 8.84
N PHE A 20 26.51 -25.36 9.68
CA PHE A 20 26.91 -25.00 11.04
C PHE A 20 28.38 -24.58 11.15
N ASN A 21 29.17 -24.80 10.10
CA ASN A 21 30.55 -24.32 10.11
C ASN A 21 30.78 -23.17 9.13
N ARG A 22 29.68 -22.63 8.62
CA ARG A 22 29.73 -21.46 7.75
C ARG A 22 30.15 -20.23 8.54
N HIS A 23 31.21 -19.57 8.12
CA HIS A 23 31.56 -18.25 8.66
C HIS A 23 31.78 -17.27 7.50
N SER A 24 31.78 -15.98 7.82
CA SER A 24 32.14 -14.98 6.84
C SER A 24 33.65 -15.01 6.61
N VAL A 25 34.04 -15.52 5.46
CA VAL A 25 35.44 -15.47 5.04
C VAL A 25 35.66 -14.18 4.27
N ARG A 26 36.70 -13.42 4.63
CA ARG A 26 36.85 -12.09 4.06
C ARG A 26 38.18 -11.93 3.33
N GLN A 27 39.00 -12.96 3.39
CA GLN A 27 40.27 -12.99 2.69
C GLN A 27 40.32 -14.23 1.84
N PHE A 28 40.30 -14.03 0.52
CA PHE A 28 40.28 -15.14 -0.41
C PHE A 28 41.64 -15.27 -1.13
N ASP A 29 41.92 -16.47 -1.62
CA ASP A 29 43.08 -16.72 -2.47
C ASP A 29 42.92 -15.98 -3.80
N PRO A 30 43.74 -14.94 -4.02
CA PRO A 30 43.61 -14.05 -5.17
C PRO A 30 43.96 -14.75 -6.49
N ASN A 31 44.49 -15.96 -6.39
CA ASN A 31 44.97 -16.71 -7.54
C ASN A 31 43.94 -17.69 -8.05
N VAL A 32 42.98 -18.02 -7.20
CA VAL A 32 41.91 -18.95 -7.59
C VAL A 32 40.79 -18.23 -8.35
N LYS A 33 40.48 -18.71 -9.53
CA LYS A 33 39.35 -18.18 -10.27
C LYS A 33 38.25 -19.23 -10.31
N ILE A 34 37.02 -18.77 -10.53
CA ILE A 34 35.89 -19.68 -10.69
C ILE A 34 35.28 -19.44 -12.07
N GLY A 35 35.18 -20.50 -12.86
CA GLY A 35 34.68 -20.40 -14.22
C GLY A 35 33.23 -19.90 -14.25
N ARG A 36 32.84 -19.24 -15.32
CA ARG A 36 31.51 -18.67 -15.38
C ARG A 36 30.43 -19.76 -15.42
N ASP A 37 30.80 -20.92 -15.95
CA ASP A 37 29.90 -22.07 -15.94
C ASP A 37 29.51 -22.43 -14.52
N GLU A 38 30.51 -22.55 -13.64
CA GLU A 38 30.23 -22.90 -12.26
C GLU A 38 29.51 -21.78 -11.52
N LEU A 39 29.94 -20.54 -11.73
CA LEU A 39 29.23 -19.41 -11.11
C LEU A 39 27.73 -19.41 -11.46
N GLN A 40 27.39 -19.56 -12.74
CA GLN A 40 25.99 -19.54 -13.14
C GLN A 40 25.27 -20.73 -12.50
N LYS A 41 25.95 -21.87 -12.44
CA LYS A 41 25.40 -23.07 -11.83
C LYS A 41 25.12 -22.87 -10.33
N MET A 42 26.04 -22.22 -9.63
CA MET A 42 25.85 -22.00 -8.20
C MET A 42 24.64 -21.07 -7.97
N ILE A 43 24.51 -20.09 -8.85
CA ILE A 43 23.37 -19.19 -8.83
C ILE A 43 22.05 -19.94 -9.09
N ALA A 44 22.03 -20.83 -10.07
CA ALA A 44 20.83 -21.61 -10.37
C ALA A 44 20.44 -22.47 -9.17
N GLU A 45 21.44 -23.08 -8.55
CA GLU A 45 21.21 -23.92 -7.38
C GLU A 45 20.63 -23.09 -6.23
N ALA A 46 21.17 -21.89 -6.03
CA ALA A 46 20.67 -20.99 -5.00
C ALA A 46 19.21 -20.65 -5.26
N ALA A 47 18.89 -20.46 -6.54
CA ALA A 47 17.58 -19.98 -6.97
C ALA A 47 16.46 -21.02 -6.82
N THR A 48 16.80 -22.23 -6.38
CA THR A 48 15.77 -23.16 -5.89
C THR A 48 15.04 -22.62 -4.65
N ALA A 49 15.52 -21.47 -4.13
CA ALA A 49 14.93 -20.82 -2.96
C ALA A 49 13.44 -20.53 -3.17
N PRO A 50 12.68 -20.47 -2.06
CA PRO A 50 11.27 -20.07 -2.15
C PRO A 50 11.15 -18.55 -2.34
N SER A 51 9.96 -18.10 -2.75
CA SER A 51 9.67 -16.68 -2.91
C SER A 51 8.14 -16.50 -2.93
N ALA A 52 7.64 -15.40 -2.38
CA ALA A 52 6.20 -15.16 -2.35
C ALA A 52 5.64 -15.20 -3.77
N CYS A 53 4.58 -15.98 -3.97
CA CYS A 53 3.97 -16.20 -5.28
C CYS A 53 4.95 -16.67 -6.38
N ASN A 54 6.06 -17.28 -5.96
CA ASN A 54 7.11 -17.75 -6.88
C ASN A 54 7.63 -16.68 -7.85
N LEU A 55 7.58 -15.42 -7.44
CA LEU A 55 8.01 -14.35 -8.33
C LEU A 55 9.52 -14.28 -8.51
N GLN A 56 10.27 -14.93 -7.63
CA GLN A 56 11.72 -15.07 -7.83
C GLN A 56 12.38 -13.72 -8.11
N SER A 57 12.03 -12.72 -7.32
CA SER A 57 12.32 -11.33 -7.64
C SER A 57 13.79 -10.94 -7.45
N TRP A 58 14.70 -11.90 -7.52
CA TRP A 58 16.13 -11.64 -7.37
C TRP A 58 16.76 -11.36 -8.73
N HIS A 59 17.84 -10.60 -8.71
CA HIS A 59 18.63 -10.30 -9.89
C HIS A 59 20.10 -10.34 -9.47
N PHE A 60 20.91 -11.05 -10.24
CA PHE A 60 22.33 -11.19 -9.93
C PHE A 60 23.21 -10.42 -10.91
N VAL A 61 24.13 -9.62 -10.38
CA VAL A 61 25.17 -9.01 -11.21
C VAL A 61 26.50 -9.57 -10.74
N VAL A 62 27.18 -10.24 -11.68
CA VAL A 62 28.40 -10.94 -11.36
C VAL A 62 29.58 -10.06 -11.67
N VAL A 63 30.45 -9.92 -10.69
CA VAL A 63 31.66 -9.12 -10.79
C VAL A 63 32.84 -10.07 -10.64
N ASP A 64 33.49 -10.40 -11.74
CA ASP A 64 34.56 -11.41 -11.67
C ASP A 64 35.81 -11.07 -12.50
N THR A 65 36.03 -9.78 -12.74
CA THR A 65 37.23 -9.35 -13.42
C THR A 65 37.77 -8.13 -12.72
N PRO A 66 39.07 -7.84 -12.86
CA PRO A 66 39.62 -6.62 -12.26
C PRO A 66 38.87 -5.36 -12.73
N GLU A 67 38.45 -5.36 -14.00
CA GLU A 67 37.77 -4.21 -14.57
C GLU A 67 36.41 -4.01 -13.92
N ALA A 68 35.70 -5.13 -13.72
CA ALA A 68 34.39 -5.10 -13.07
C ALA A 68 34.54 -4.67 -11.61
N LYS A 69 35.55 -5.22 -10.94
CA LYS A 69 35.78 -4.85 -9.55
C LYS A 69 36.03 -3.35 -9.38
N ALA A 70 36.80 -2.77 -10.29
CA ALA A 70 37.12 -1.34 -10.24
C ALA A 70 35.86 -0.47 -10.28
N LYS A 71 34.98 -0.75 -11.25
CA LYS A 71 33.71 -0.04 -11.37
C LYS A 71 32.85 -0.29 -10.13
N PHE A 72 32.77 -1.56 -9.72
CA PHE A 72 31.91 -2.00 -8.63
C PHE A 72 32.32 -1.34 -7.31
N LYS A 73 33.63 -1.18 -7.11
CA LYS A 73 34.15 -0.62 -5.85
C LYS A 73 33.77 0.84 -5.66
N GLN A 74 33.38 1.51 -6.74
CA GLN A 74 32.94 2.89 -6.67
C GLN A 74 31.64 3.04 -5.89
N ALA A 75 30.97 1.92 -5.61
CA ALA A 75 29.74 1.94 -4.82
C ALA A 75 29.85 1.08 -3.55
N VAL A 76 31.07 0.63 -3.26
CA VAL A 76 31.33 -0.19 -2.09
C VAL A 76 32.21 0.57 -1.10
N MET A 77 31.85 0.53 0.18
CA MET A 77 32.65 1.20 1.20
C MET A 77 34.00 0.48 1.38
N LYS A 78 35.04 1.28 1.66
CA LYS A 78 36.41 0.78 1.58
C LYS A 78 36.71 -0.36 2.54
N PHE A 79 36.01 -0.41 3.66
CA PHE A 79 36.29 -1.48 4.64
C PHE A 79 35.91 -2.86 4.11
N ASN A 80 35.12 -2.91 3.03
CA ASN A 80 34.80 -4.15 2.32
C ASN A 80 35.67 -4.41 1.08
N TYR A 81 36.69 -3.59 0.88
CA TYR A 81 37.58 -3.81 -0.25
C TYR A 81 38.40 -5.09 -0.16
N PRO A 82 38.80 -5.53 1.06
CA PRO A 82 39.54 -6.79 1.04
C PRO A 82 38.77 -7.91 0.38
N GLN A 83 37.50 -8.11 0.74
CA GLN A 83 36.71 -9.20 0.17
C GLN A 83 36.61 -9.02 -1.32
N VAL A 84 36.29 -7.80 -1.74
CA VAL A 84 36.12 -7.51 -3.14
C VAL A 84 37.40 -7.74 -3.96
N ASP A 85 38.54 -7.22 -3.48
CA ASP A 85 39.79 -7.36 -4.23
C ASP A 85 40.23 -8.82 -4.35
N SER A 86 40.03 -9.59 -3.30
CA SER A 86 40.57 -10.95 -3.27
C SER A 86 39.62 -12.04 -3.79
N ALA A 87 38.33 -11.76 -3.83
CA ALA A 87 37.34 -12.78 -4.19
C ALA A 87 37.49 -13.23 -5.66
N SER A 88 37.22 -14.50 -5.90
CA SER A 88 37.15 -15.02 -7.27
C SER A 88 36.01 -14.36 -8.01
N ALA A 89 34.88 -14.17 -7.32
CA ALA A 89 33.73 -13.48 -7.88
C ALA A 89 32.91 -12.80 -6.81
N ILE A 90 32.25 -11.70 -7.16
CA ILE A 90 31.21 -11.20 -6.29
C ILE A 90 29.88 -11.27 -7.04
N VAL A 91 28.88 -11.85 -6.40
CA VAL A 91 27.55 -11.91 -6.96
C VAL A 91 26.75 -10.87 -6.20
N PHE A 92 26.48 -9.74 -6.83
CA PHE A 92 25.64 -8.76 -6.15
C PHE A 92 24.17 -9.06 -6.41
N ILE A 93 23.38 -9.00 -5.34
CA ILE A 93 21.98 -9.35 -5.45
C ILE A 93 21.11 -8.11 -5.33
N ALA A 94 20.38 -7.83 -6.40
CA ALA A 94 19.42 -6.73 -6.41
C ALA A 94 17.98 -7.25 -6.52
N GLY A 95 17.03 -6.50 -5.99
CA GLY A 95 15.63 -6.91 -5.98
C GLY A 95 14.82 -6.25 -7.06
N ASP A 96 14.17 -7.06 -7.89
CA ASP A 96 13.37 -6.54 -9.01
C ASP A 96 11.97 -6.18 -8.54
N THR A 97 11.70 -4.89 -8.35
CA THR A 97 10.39 -4.48 -7.86
C THR A 97 9.31 -4.46 -8.94
N GLN A 98 9.68 -4.89 -10.15
CA GLN A 98 8.70 -5.10 -11.23
C GLN A 98 8.57 -6.59 -11.60
N SER A 99 9.01 -7.48 -10.70
CA SER A 99 9.02 -8.91 -10.99
C SER A 99 7.63 -9.47 -11.26
N HIS A 100 6.60 -8.78 -10.79
CA HIS A 100 5.25 -9.27 -11.00
C HIS A 100 4.85 -9.10 -12.47
N TYR A 101 5.40 -8.07 -13.11
CA TYR A 101 5.17 -7.86 -14.53
C TYR A 101 5.92 -8.87 -15.38
N VAL A 102 7.12 -9.24 -14.95
CA VAL A 102 7.87 -10.30 -15.62
C VAL A 102 7.06 -11.58 -15.59
N TYR A 103 6.54 -11.90 -14.41
CA TYR A 103 5.72 -13.09 -14.21
C TYR A 103 4.51 -13.05 -15.11
N ARG A 104 3.82 -11.91 -15.12
CA ARG A 104 2.66 -11.71 -15.98
C ARG A 104 3.00 -11.92 -17.47
N ASP A 105 4.11 -11.32 -17.92
CA ASP A 105 4.51 -11.40 -19.31
C ASP A 105 4.70 -12.84 -19.77
N VAL A 106 5.25 -13.66 -18.88
CA VAL A 106 5.42 -15.08 -19.17
C VAL A 106 4.08 -15.72 -19.54
N TRP A 107 3.08 -15.53 -18.69
CA TRP A 107 1.78 -16.16 -18.89
C TRP A 107 1.06 -15.57 -20.10
N ASN A 108 1.15 -14.26 -20.28
CA ASN A 108 0.56 -13.60 -21.44
C ASN A 108 1.03 -14.24 -22.74
N LYS A 109 2.30 -14.60 -22.78
CA LYS A 109 2.89 -15.17 -23.98
C LYS A 109 2.29 -16.53 -24.29
N VAL A 110 2.12 -17.34 -23.24
CA VAL A 110 1.50 -18.65 -23.39
C VAL A 110 0.09 -18.52 -23.97
N TYR A 111 -0.63 -17.52 -23.48
CA TYR A 111 -1.97 -17.24 -23.99
C TYR A 111 -1.95 -16.82 -25.46
N GLU A 112 -1.05 -15.90 -25.81
CA GLU A 112 -0.91 -15.41 -27.18
C GLU A 112 -0.54 -16.53 -28.15
N ASP A 113 0.21 -17.51 -27.67
CA ASP A 113 0.55 -18.71 -28.41
C ASP A 113 -0.68 -19.61 -28.65
N GLY A 114 -1.71 -19.43 -27.82
CA GLY A 114 -2.93 -20.21 -27.95
C GLY A 114 -2.97 -21.45 -27.06
N ASN A 115 -1.98 -21.58 -26.17
CA ASN A 115 -1.83 -22.81 -25.40
C ASN A 115 -2.50 -22.73 -24.02
N ILE A 116 -3.06 -21.57 -23.72
CA ILE A 116 -4.10 -21.45 -22.68
C ILE A 116 -5.14 -20.46 -23.15
N THR A 117 -6.37 -20.63 -22.66
CA THR A 117 -7.44 -19.70 -22.97
C THR A 117 -7.26 -18.41 -22.17
N LYS A 118 -8.01 -17.36 -22.56
CA LYS A 118 -7.99 -16.11 -21.82
C LYS A 118 -8.51 -16.32 -20.40
N GLU A 119 -9.46 -17.24 -20.27
CA GLU A 119 -10.02 -17.58 -18.96
C GLU A 119 -8.95 -18.11 -18.03
N ARG A 120 -8.17 -19.06 -18.55
CA ARG A 120 -7.06 -19.63 -17.80
C ARG A 120 -6.03 -18.56 -17.46
N LEU A 121 -5.70 -17.70 -18.43
CA LEU A 121 -4.75 -16.62 -18.19
C LEU A 121 -5.21 -15.72 -17.05
N ASP A 122 -6.47 -15.30 -17.11
CA ASP A 122 -7.05 -14.45 -16.08
C ASP A 122 -7.09 -15.14 -14.73
N GLN A 123 -7.33 -16.44 -14.75
CA GLN A 123 -7.27 -17.23 -13.52
C GLN A 123 -5.86 -17.22 -12.94
N ILE A 124 -4.86 -17.39 -13.80
CA ILE A 124 -3.45 -17.34 -13.36
C ILE A 124 -3.10 -15.98 -12.80
N LEU A 125 -3.36 -14.94 -13.60
CA LEU A 125 -3.05 -13.57 -13.20
C LEU A 125 -3.76 -13.21 -11.91
N GLY A 126 -5.02 -13.64 -11.78
CA GLY A 126 -5.81 -13.40 -10.59
C GLY A 126 -5.16 -13.77 -9.27
N THR A 127 -4.35 -14.82 -9.27
CA THR A 127 -3.67 -15.29 -8.06
C THR A 127 -2.55 -14.40 -7.52
N PHE A 128 -1.92 -13.58 -8.36
CA PHE A 128 -0.84 -12.71 -7.87
C PHE A 128 -0.94 -11.25 -8.29
N LEU A 129 -1.51 -11.00 -9.47
CA LEU A 129 -1.45 -9.65 -10.04
C LEU A 129 -2.24 -8.58 -9.28
N PRO A 130 -3.49 -8.87 -8.88
CA PRO A 130 -4.15 -7.81 -8.09
C PRO A 130 -3.35 -7.41 -6.85
N LEU A 131 -2.78 -8.39 -6.16
CA LEU A 131 -1.96 -8.12 -4.99
C LEU A 131 -0.76 -7.24 -5.35
N TYR A 132 0.11 -7.72 -6.23
CA TYR A 132 1.34 -7.01 -6.52
C TYR A 132 1.15 -5.72 -7.32
N GLU A 133 0.26 -5.73 -8.30
CA GLU A 133 -0.01 -4.53 -9.09
C GLU A 133 -0.52 -3.36 -8.26
N ASN A 134 -1.18 -3.68 -7.14
CA ASN A 134 -1.74 -2.66 -6.27
C ASN A 134 -0.93 -2.41 -5.01
N ALA A 135 0.22 -3.08 -4.90
CA ALA A 135 1.07 -2.90 -3.73
C ALA A 135 1.83 -1.57 -3.78
N THR A 136 2.10 -1.02 -2.59
CA THR A 136 2.90 0.19 -2.47
C THR A 136 4.34 -0.11 -2.87
N PRO A 137 5.11 0.94 -3.25
CA PRO A 137 6.53 0.74 -3.53
C PRO A 137 7.27 0.12 -2.34
N ASP A 138 6.96 0.56 -1.13
CA ASP A 138 7.63 0.01 0.05
C ASP A 138 7.36 -1.47 0.25
N PHE A 139 6.12 -1.92 0.04
CA PHE A 139 5.81 -3.34 0.10
C PHE A 139 6.52 -4.13 -0.99
N LEU A 140 6.58 -3.56 -2.18
CA LEU A 140 7.32 -4.19 -3.28
C LEU A 140 8.79 -4.32 -2.91
N LYS A 141 9.36 -3.24 -2.39
CA LYS A 141 10.75 -3.22 -1.93
C LYS A 141 10.97 -4.27 -0.85
N PHE A 142 10.00 -4.32 0.07
CA PHE A 142 9.95 -5.26 1.19
C PHE A 142 9.99 -6.70 0.71
N ASP A 143 9.07 -7.05 -0.18
CA ASP A 143 8.99 -8.41 -0.69
C ASP A 143 10.23 -8.81 -1.49
N ALA A 144 10.72 -7.91 -2.33
CA ALA A 144 11.90 -8.21 -3.15
C ALA A 144 13.12 -8.42 -2.27
N THR A 145 13.20 -7.65 -1.18
CA THR A 145 14.30 -7.79 -0.23
C THR A 145 14.32 -9.18 0.44
N ILE A 146 13.15 -9.67 0.81
CA ILE A 146 13.06 -11.01 1.39
C ILE A 146 13.54 -12.06 0.39
N ASP A 147 13.05 -11.97 -0.85
CA ASP A 147 13.46 -12.87 -1.90
C ASP A 147 14.99 -12.83 -2.09
N CYS A 148 15.55 -11.63 -2.19
CA CYS A 148 17.00 -11.49 -2.33
C CYS A 148 17.77 -12.10 -1.17
N SER A 149 17.21 -11.98 0.02
CA SER A 149 17.88 -12.49 1.22
C SER A 149 17.85 -14.01 1.30
N VAL A 150 16.70 -14.62 1.02
CA VAL A 150 16.63 -16.08 1.11
C VAL A 150 17.52 -16.72 0.04
N VAL A 151 17.53 -16.17 -1.18
CA VAL A 151 18.41 -16.73 -2.21
C VAL A 151 19.88 -16.42 -1.88
N GLY A 152 20.16 -15.25 -1.29
CA GLY A 152 21.50 -14.95 -0.81
C GLY A 152 21.97 -15.95 0.24
N MET A 153 21.09 -16.27 1.18
CA MET A 153 21.40 -17.26 2.19
C MET A 153 21.70 -18.62 1.54
N GLN A 154 20.92 -19.01 0.55
CA GLN A 154 21.19 -20.29 -0.10
C GLN A 154 22.52 -20.24 -0.87
N LEU A 155 22.84 -19.09 -1.47
CA LEU A 155 24.09 -18.97 -2.21
C LEU A 155 25.32 -19.10 -1.29
N LEU A 156 25.22 -18.53 -0.08
CA LEU A 156 26.30 -18.69 0.90
C LEU A 156 26.56 -20.16 1.12
N LEU A 157 25.48 -20.92 1.26
CA LEU A 157 25.56 -22.35 1.54
C LEU A 157 26.04 -23.14 0.31
N VAL A 158 25.49 -22.79 -0.85
CA VAL A 158 25.91 -23.42 -2.10
C VAL A 158 27.40 -23.22 -2.35
N ALA A 159 27.90 -22.03 -2.07
CA ALA A 159 29.33 -21.74 -2.26
C ALA A 159 30.18 -22.76 -1.50
N ARG A 160 29.83 -23.00 -0.25
CA ARG A 160 30.56 -23.96 0.57
C ARG A 160 30.33 -25.39 0.10
N ALA A 161 29.13 -25.66 -0.43
CA ALA A 161 28.84 -27.00 -0.99
C ALA A 161 29.74 -27.27 -2.19
N HIS A 162 30.21 -26.20 -2.82
CA HIS A 162 31.07 -26.32 -3.98
C HIS A 162 32.54 -26.30 -3.60
N GLY A 163 32.83 -26.24 -2.30
CA GLY A 163 34.22 -26.24 -1.84
C GLY A 163 34.83 -24.86 -1.70
N TYR A 164 33.99 -23.82 -1.75
CA TYR A 164 34.47 -22.46 -1.57
C TYR A 164 33.98 -21.88 -0.24
N ASP A 165 34.16 -20.57 -0.08
CA ASP A 165 33.63 -19.84 1.07
C ASP A 165 33.18 -18.48 0.60
N ALA A 166 32.54 -17.73 1.49
CA ALA A 166 31.84 -16.54 1.08
C ALA A 166 31.63 -15.55 2.21
N ASN A 167 31.28 -14.34 1.80
CA ASN A 167 30.92 -13.28 2.72
C ASN A 167 29.80 -12.46 2.13
N ALA A 168 28.71 -12.31 2.89
CA ALA A 168 27.64 -11.39 2.52
C ALA A 168 27.98 -10.02 3.05
N PHE A 169 27.72 -8.98 2.27
CA PHE A 169 27.98 -7.63 2.74
C PHE A 169 27.01 -6.61 2.15
N SER A 170 26.67 -5.60 2.96
CA SER A 170 25.78 -4.53 2.51
C SER A 170 26.39 -3.19 2.87
N GLY A 171 27.67 -3.22 3.21
CA GLY A 171 28.39 -2.00 3.52
C GLY A 171 28.66 -1.30 2.20
N ILE A 172 27.63 -0.64 1.67
CA ILE A 172 27.72 -0.08 0.32
C ILE A 172 27.07 1.28 0.24
N ASP A 173 27.30 1.92 -0.90
CA ASP A 173 26.64 3.17 -1.24
C ASP A 173 25.30 2.85 -1.87
N PHE A 174 24.24 2.88 -1.06
CA PHE A 174 22.92 2.46 -1.50
C PHE A 174 22.31 3.31 -2.61
N GLU A 175 22.75 4.56 -2.72
CA GLU A 175 22.19 5.41 -3.77
C GLU A 175 22.99 5.27 -5.06
N LYS A 176 24.22 4.78 -4.96
CA LYS A 176 25.11 4.69 -6.11
C LYS A 176 25.15 3.29 -6.76
N MET A 177 24.87 2.26 -5.98
CA MET A 177 25.10 0.87 -6.41
C MET A 177 24.33 0.46 -7.67
N ILE A 178 23.02 0.74 -7.74
CA ILE A 178 22.24 0.25 -8.88
C ILE A 178 22.70 0.87 -10.22
N PRO A 179 22.91 2.21 -10.27
CA PRO A 179 23.46 2.74 -11.53
C PRO A 179 24.88 2.27 -11.80
N THR A 180 25.67 2.09 -10.75
CA THR A 180 27.02 1.57 -10.89
C THR A 180 27.00 0.20 -11.57
N LEU A 181 25.97 -0.59 -11.31
CA LEU A 181 25.87 -1.93 -11.91
C LEU A 181 25.23 -1.91 -13.30
N GLY A 182 24.87 -0.73 -13.77
CA GLY A 182 24.28 -0.58 -15.09
C GLY A 182 22.82 -0.97 -15.03
N LEU A 183 22.24 -0.87 -13.85
CA LEU A 183 20.84 -1.26 -13.68
C LEU A 183 19.93 -0.04 -13.56
N ASP A 184 18.64 -0.30 -13.71
CA ASP A 184 17.57 0.69 -13.70
C ASP A 184 17.21 1.05 -12.27
N PRO A 185 17.60 2.26 -11.84
CA PRO A 185 17.39 2.61 -10.43
C PRO A 185 15.91 2.78 -10.06
N LYS A 186 15.02 2.95 -11.04
CA LYS A 186 13.61 3.05 -10.70
C LYS A 186 13.06 1.64 -10.40
N ARG A 187 13.76 0.61 -10.87
CA ARG A 187 13.25 -0.75 -10.79
C ARG A 187 13.92 -1.63 -9.73
N TYR A 188 15.24 -1.59 -9.62
CA TYR A 188 15.97 -2.51 -8.75
C TYR A 188 16.42 -1.87 -7.42
N VAL A 189 16.25 -2.63 -6.33
CA VAL A 189 16.73 -2.20 -5.03
C VAL A 189 17.97 -3.02 -4.64
N PRO A 190 19.06 -2.34 -4.23
CA PRO A 190 20.28 -3.04 -3.81
C PRO A 190 20.10 -3.72 -2.46
N VAL A 191 20.54 -4.98 -2.35
CA VAL A 191 20.33 -5.70 -1.10
C VAL A 191 21.64 -6.16 -0.47
N MET A 192 22.37 -7.04 -1.14
CA MET A 192 23.65 -7.48 -0.58
C MET A 192 24.59 -8.00 -1.64
N GLY A 193 25.89 -7.94 -1.34
CA GLY A 193 26.89 -8.58 -2.17
C GLY A 193 27.29 -9.91 -1.58
N ILE A 194 27.60 -10.89 -2.41
CA ILE A 194 28.10 -12.17 -1.96
C ILE A 194 29.49 -12.41 -2.58
N ALA A 195 30.53 -12.14 -1.80
CA ALA A 195 31.90 -12.39 -2.24
C ALA A 195 32.20 -13.86 -2.11
N ILE A 196 32.72 -14.47 -3.16
CA ILE A 196 32.98 -15.91 -3.15
C ILE A 196 34.43 -16.22 -3.54
N GLY A 197 35.03 -17.17 -2.84
CA GLY A 197 36.38 -17.57 -3.15
C GLY A 197 36.87 -18.74 -2.32
N LYS A 198 38.11 -19.15 -2.56
CA LYS A 198 38.78 -20.11 -1.70
C LYS A 198 39.35 -19.36 -0.49
N ALA A 199 39.01 -19.81 0.72
CA ALA A 199 39.48 -19.14 1.93
C ALA A 199 41.01 -19.10 1.98
N ALA A 200 41.58 -17.90 2.15
CA ALA A 200 43.03 -17.80 2.39
C ALA A 200 43.35 -17.41 3.84
N GLN A 201 42.33 -17.08 4.62
CA GLN A 201 42.57 -16.71 6.02
C GLN A 201 41.43 -17.16 6.90
N GLU A 202 41.77 -17.60 8.11
CA GLU A 202 40.80 -18.02 9.11
C GLU A 202 39.81 -16.90 9.35
N PRO A 203 38.51 -17.22 9.25
CA PRO A 203 37.49 -16.18 9.45
C PRO A 203 37.40 -15.75 10.92
N LEU A 204 37.09 -14.47 11.15
CA LEU A 204 36.85 -13.97 12.50
C LEU A 204 35.79 -14.81 13.20
N HIS A 205 36.08 -15.25 14.42
CA HIS A 205 35.13 -16.07 15.15
C HIS A 205 33.98 -15.21 15.66
N THR A 206 32.78 -15.78 15.70
CA THR A 206 31.64 -15.06 16.29
C THR A 206 30.83 -15.99 17.20
N THR A 207 29.99 -15.37 18.02
CA THR A 207 29.06 -16.13 18.83
C THR A 207 27.63 -15.74 18.47
N ARG A 208 26.67 -16.51 18.97
CA ARG A 208 25.28 -16.15 18.85
C ARG A 208 24.68 -16.04 20.26
N TYR A 209 23.66 -15.20 20.40
CA TYR A 209 22.82 -15.25 21.61
C TYR A 209 22.30 -16.65 21.86
N ASP A 210 22.06 -16.95 23.12
CA ASP A 210 21.21 -18.07 23.49
C ASP A 210 19.84 -17.83 22.87
N ALA A 211 19.42 -18.74 22.00
CA ALA A 211 18.18 -18.54 21.24
C ALA A 211 16.95 -18.44 22.15
N LYS A 212 17.06 -18.97 23.37
CA LYS A 212 15.95 -18.87 24.31
C LYS A 212 15.64 -17.41 24.64
N THR A 213 16.64 -16.53 24.62
CA THR A 213 16.39 -15.10 24.86
C THR A 213 15.56 -14.46 23.73
N GLN A 214 15.53 -15.11 22.58
CA GLN A 214 14.86 -14.54 21.41
C GLN A 214 13.56 -15.26 21.04
N THR A 215 13.14 -16.21 21.88
CA THR A 215 12.02 -17.09 21.56
C THR A 215 10.90 -17.00 22.59
N ASP A 216 9.68 -16.76 22.12
CA ASP A 216 8.49 -16.79 22.98
C ASP A 216 7.56 -17.92 22.56
N PHE A 217 6.94 -18.56 23.55
CA PHE A 217 5.85 -19.48 23.24
C PHE A 217 4.55 -18.76 23.50
N LEU A 218 3.75 -18.59 22.45
CA LEU A 218 2.51 -17.83 22.52
C LEU A 218 1.57 -18.39 23.58
N ALA A 219 1.39 -19.69 23.55
CA ALA A 219 0.76 -20.39 24.66
C ALA A 219 1.56 -21.66 24.95
N LEU B 10 21.26 -35.28 12.97
CA LEU B 10 20.27 -34.91 11.96
C LEU B 10 19.69 -36.14 11.26
N VAL B 11 18.39 -36.14 11.05
CA VAL B 11 17.70 -37.17 10.29
C VAL B 11 18.07 -37.15 8.81
N ASN B 12 18.26 -35.94 8.27
CA ASN B 12 18.66 -35.79 6.87
C ASN B 12 19.82 -34.81 6.73
N ASN B 13 21.01 -35.36 6.52
CA ASN B 13 22.22 -34.54 6.36
C ASN B 13 22.66 -34.49 4.89
N ASP B 14 21.78 -34.88 3.98
CA ASP B 14 22.04 -34.81 2.53
C ASP B 14 21.67 -33.41 2.01
N LEU B 15 22.67 -32.52 1.87
CA LEU B 15 22.41 -31.12 1.55
C LEU B 15 21.64 -30.95 0.24
N ALA B 16 22.09 -31.63 -0.80
CA ALA B 16 21.40 -31.54 -2.10
C ALA B 16 19.95 -31.93 -1.94
N ASP B 17 19.70 -33.01 -1.21
CA ASP B 17 18.34 -33.48 -1.01
C ASP B 17 17.56 -32.46 -0.18
N VAL B 18 18.14 -32.03 0.93
CA VAL B 18 17.47 -31.08 1.80
C VAL B 18 17.14 -29.77 1.05
N MET B 19 18.10 -29.24 0.31
CA MET B 19 17.92 -27.96 -0.37
C MET B 19 17.19 -28.03 -1.72
N PHE B 20 17.59 -28.94 -2.59
CA PHE B 20 17.07 -28.94 -3.96
C PHE B 20 15.74 -29.65 -4.09
N ASN B 21 15.40 -30.45 -3.09
CA ASN B 21 14.11 -31.12 -3.03
C ASN B 21 13.17 -30.48 -2.00
N ARG B 22 13.53 -29.29 -1.53
CA ARG B 22 12.67 -28.55 -0.61
C ARG B 22 11.48 -28.00 -1.37
N HIS B 23 10.27 -28.30 -0.90
CA HIS B 23 9.04 -27.70 -1.43
C HIS B 23 8.24 -27.06 -0.31
N SER B 24 7.37 -26.11 -0.66
CA SER B 24 6.37 -25.63 0.27
C SER B 24 5.31 -26.70 0.50
N VAL B 25 5.29 -27.23 1.71
CA VAL B 25 4.27 -28.18 2.14
C VAL B 25 3.21 -27.43 2.91
N ARG B 26 1.95 -27.57 2.51
CA ARG B 26 0.89 -26.75 3.08
C ARG B 26 -0.15 -27.56 3.83
N GLN B 27 -0.05 -28.89 3.77
CA GLN B 27 -0.96 -29.72 4.55
C GLN B 27 -0.16 -30.76 5.31
N PHE B 28 -0.24 -30.69 6.63
CA PHE B 28 0.57 -31.51 7.52
C PHE B 28 -0.28 -32.54 8.27
N ASP B 29 0.38 -33.57 8.80
CA ASP B 29 -0.26 -34.55 9.67
C ASP B 29 -0.62 -33.89 11.00
N PRO B 30 -1.92 -33.77 11.27
CA PRO B 30 -2.44 -33.10 12.47
C PRO B 30 -2.09 -33.83 13.77
N ASN B 31 -1.68 -35.09 13.65
CA ASN B 31 -1.43 -35.90 14.84
C ASN B 31 0.05 -36.01 15.17
N VAL B 32 0.90 -35.43 14.33
CA VAL B 32 2.34 -35.41 14.63
C VAL B 32 2.69 -34.13 15.36
N LYS B 33 3.29 -34.29 16.54
CA LYS B 33 3.63 -33.15 17.37
C LYS B 33 5.14 -33.04 17.48
N ILE B 34 5.64 -31.85 17.75
CA ILE B 34 7.08 -31.64 17.91
C ILE B 34 7.38 -31.05 19.28
N GLY B 35 8.27 -31.68 20.01
CA GLY B 35 8.56 -31.28 21.39
C GLY B 35 9.23 -29.93 21.41
N ARG B 36 9.03 -29.17 22.47
CA ARG B 36 9.55 -27.81 22.53
C ARG B 36 11.08 -27.78 22.62
N ASP B 37 11.68 -28.88 23.05
CA ASP B 37 13.14 -28.92 23.03
C ASP B 37 13.64 -29.03 21.58
N GLU B 38 13.01 -29.85 20.75
CA GLU B 38 13.41 -29.90 19.34
C GLU B 38 13.08 -28.62 18.59
N LEU B 39 11.93 -28.01 18.90
CA LEU B 39 11.58 -26.73 18.30
C LEU B 39 12.65 -25.69 18.63
N GLN B 40 13.07 -25.63 19.90
CA GLN B 40 14.05 -24.65 20.33
C GLN B 40 15.43 -24.94 19.73
N LYS B 41 15.73 -26.23 19.58
CA LYS B 41 16.95 -26.69 18.94
C LYS B 41 17.03 -26.24 17.48
N MET B 42 15.93 -26.45 16.75
CA MET B 42 15.87 -26.14 15.32
C MET B 42 16.04 -24.64 15.15
N ILE B 43 15.42 -23.87 16.03
CA ILE B 43 15.56 -22.41 16.00
C ILE B 43 17.04 -22.03 16.22
N ALA B 44 17.67 -22.64 17.23
CA ALA B 44 19.08 -22.38 17.50
C ALA B 44 19.95 -22.71 16.28
N GLU B 45 19.66 -23.84 15.64
CA GLU B 45 20.40 -24.24 14.44
C GLU B 45 20.24 -23.22 13.30
N ALA B 46 19.02 -22.77 13.06
CA ALA B 46 18.78 -21.76 12.02
C ALA B 46 19.54 -20.47 12.33
N ALA B 47 19.62 -20.15 13.61
CA ALA B 47 20.18 -18.91 14.08
C ALA B 47 21.72 -18.90 13.96
N THR B 48 22.30 -19.95 13.37
CA THR B 48 23.72 -19.87 12.97
C THR B 48 23.88 -18.95 11.77
N ALA B 49 22.74 -18.52 11.23
CA ALA B 49 22.68 -17.62 10.08
C ALA B 49 23.50 -16.36 10.32
N PRO B 50 24.00 -15.75 9.22
CA PRO B 50 24.71 -14.48 9.33
C PRO B 50 23.75 -13.31 9.56
N SER B 51 24.29 -12.15 9.91
CA SER B 51 23.49 -10.96 10.12
C SER B 51 24.43 -9.77 10.13
N ALA B 52 23.97 -8.61 9.65
CA ALA B 52 24.82 -7.43 9.64
C ALA B 52 25.25 -7.11 11.07
N CYS B 53 26.56 -6.90 11.23
CA CYS B 53 27.20 -6.62 12.53
C CYS B 53 26.86 -7.66 13.59
N ASN B 54 26.54 -8.87 13.16
CA ASN B 54 26.10 -9.95 14.05
C ASN B 54 25.04 -9.52 15.07
N LEU B 55 24.12 -8.64 14.66
CA LEU B 55 23.08 -8.19 15.56
C LEU B 55 21.97 -9.23 15.75
N GLN B 56 21.88 -10.19 14.84
CA GLN B 56 20.92 -11.28 15.00
C GLN B 56 19.52 -10.76 15.29
N SER B 57 19.05 -9.80 14.51
CA SER B 57 17.85 -9.05 14.84
C SER B 57 16.53 -9.82 14.67
N TRP B 58 16.57 -11.15 14.72
CA TRP B 58 15.36 -11.95 14.58
C TRP B 58 14.70 -12.18 15.95
N HIS B 59 13.38 -12.32 15.97
CA HIS B 59 12.66 -12.73 17.18
C HIS B 59 11.63 -13.79 16.81
N PHE B 60 11.52 -14.85 17.61
CA PHE B 60 10.63 -15.97 17.28
C PHE B 60 9.48 -16.12 18.26
N VAL B 61 8.26 -16.21 17.72
CA VAL B 61 7.11 -16.55 18.55
C VAL B 61 6.59 -17.92 18.10
N VAL B 62 6.63 -18.90 18.99
CA VAL B 62 6.27 -20.27 18.62
C VAL B 62 4.80 -20.53 18.96
N VAL B 63 4.08 -21.04 17.97
CA VAL B 63 2.65 -21.30 18.06
C VAL B 63 2.46 -22.80 17.89
N ASP B 64 2.24 -23.50 18.99
CA ASP B 64 2.24 -24.96 18.90
C ASP B 64 1.14 -25.62 19.74
N THR B 65 0.15 -24.84 20.14
CA THR B 65 -1.03 -25.39 20.82
C THR B 65 -2.30 -24.91 20.10
N PRO B 66 -3.44 -25.61 20.33
CA PRO B 66 -4.68 -25.15 19.69
C PRO B 66 -5.05 -23.74 20.12
N GLU B 67 -4.97 -23.45 21.42
CA GLU B 67 -5.25 -22.10 21.93
C GLU B 67 -4.40 -21.05 21.24
N ALA B 68 -3.12 -21.33 21.08
CA ALA B 68 -2.22 -20.37 20.46
C ALA B 68 -2.57 -20.22 18.97
N LYS B 69 -2.92 -21.33 18.32
CA LYS B 69 -3.30 -21.26 16.91
C LYS B 69 -4.52 -20.38 16.68
N ALA B 70 -5.57 -20.58 17.49
CA ALA B 70 -6.79 -19.79 17.37
C ALA B 70 -6.52 -18.29 17.54
N LYS B 71 -5.65 -17.91 18.45
CA LYS B 71 -5.32 -16.50 18.59
C LYS B 71 -4.49 -15.99 17.40
N PHE B 72 -3.47 -16.76 17.03
CA PHE B 72 -2.56 -16.42 15.92
C PHE B 72 -3.32 -16.23 14.61
N LYS B 73 -4.27 -17.11 14.33
CA LYS B 73 -5.04 -17.09 13.08
C LYS B 73 -5.82 -15.80 12.87
N GLN B 74 -6.09 -15.08 13.96
CA GLN B 74 -6.78 -13.79 13.85
C GLN B 74 -5.97 -12.78 13.04
N ALA B 75 -4.68 -13.02 12.89
CA ALA B 75 -3.81 -12.08 12.17
C ALA B 75 -3.27 -12.72 10.90
N VAL B 76 -3.83 -13.86 10.52
CA VAL B 76 -3.40 -14.58 9.33
C VAL B 76 -4.51 -14.57 8.27
N MET B 77 -4.16 -14.40 7.00
CA MET B 77 -5.20 -14.38 5.98
C MET B 77 -5.78 -15.78 5.73
N LYS B 78 -7.04 -15.83 5.32
CA LYS B 78 -7.79 -17.07 5.34
C LYS B 78 -7.19 -18.18 4.46
N PHE B 79 -6.52 -17.82 3.38
CA PHE B 79 -6.00 -18.84 2.46
C PHE B 79 -4.78 -19.57 3.05
N ASN B 80 -4.25 -19.06 4.17
CA ASN B 80 -3.16 -19.71 4.87
C ASN B 80 -3.63 -20.50 6.09
N TYR B 81 -4.95 -20.57 6.28
CA TYR B 81 -5.50 -21.35 7.38
C TYR B 81 -5.12 -22.84 7.37
N PRO B 82 -5.18 -23.51 6.19
CA PRO B 82 -4.84 -24.95 6.23
C PRO B 82 -3.47 -25.24 6.83
N GLN B 83 -2.46 -24.44 6.48
CA GLN B 83 -1.10 -24.62 7.02
C GLN B 83 -1.10 -24.46 8.53
N VAL B 84 -1.68 -23.37 9.02
CA VAL B 84 -1.68 -23.08 10.44
C VAL B 84 -2.52 -24.11 11.23
N ASP B 85 -3.66 -24.48 10.67
CA ASP B 85 -4.54 -25.48 11.29
C ASP B 85 -3.83 -26.82 11.51
N SER B 86 -3.09 -27.29 10.51
CA SER B 86 -2.59 -28.66 10.58
C SER B 86 -1.13 -28.79 11.02
N ALA B 87 -0.36 -27.70 10.98
CA ALA B 87 1.08 -27.78 11.27
C ALA B 87 1.36 -28.25 12.70
N SER B 88 2.50 -28.90 12.92
CA SER B 88 2.91 -29.25 14.27
C SER B 88 3.16 -27.97 15.07
N ALA B 89 3.85 -27.03 14.44
CA ALA B 89 4.10 -25.73 15.05
C ALA B 89 4.30 -24.68 13.98
N ILE B 90 3.95 -23.44 14.30
CA ILE B 90 4.36 -22.32 13.47
C ILE B 90 5.37 -21.51 14.26
N VAL B 91 6.48 -21.18 13.63
CA VAL B 91 7.44 -20.27 14.22
C VAL B 91 7.23 -18.95 13.51
N PHE B 92 6.70 -17.96 14.21
CA PHE B 92 6.62 -16.66 13.57
C PHE B 92 7.90 -15.86 13.79
N ILE B 93 8.39 -15.28 12.70
CA ILE B 93 9.64 -14.53 12.74
C ILE B 93 9.37 -13.04 12.60
N ALA B 94 9.78 -12.29 13.62
CA ALA B 94 9.64 -10.83 13.62
C ALA B 94 11.01 -10.14 13.72
N GLY B 95 11.11 -8.95 13.15
CA GLY B 95 12.35 -8.19 13.14
C GLY B 95 12.42 -7.21 14.31
N ASP B 96 13.52 -7.24 15.05
CA ASP B 96 13.70 -6.37 16.21
C ASP B 96 14.47 -5.14 15.78
N THR B 97 13.78 -4.01 15.63
CA THR B 97 14.43 -2.78 15.15
C THR B 97 15.16 -2.03 16.24
N GLN B 98 15.31 -2.66 17.39
CA GLN B 98 16.10 -2.11 18.49
C GLN B 98 17.21 -3.07 18.87
N SER B 99 17.56 -3.96 17.95
CA SER B 99 18.51 -5.03 18.27
C SER B 99 19.91 -4.47 18.56
N HIS B 100 20.19 -3.27 18.07
CA HIS B 100 21.48 -2.62 18.35
C HIS B 100 21.61 -2.25 19.83
N TYR B 101 20.49 -1.94 20.46
CA TYR B 101 20.53 -1.64 21.90
C TYR B 101 20.67 -2.94 22.70
N VAL B 102 20.12 -4.04 22.17
CA VAL B 102 20.32 -5.34 22.78
C VAL B 102 21.81 -5.72 22.81
N TYR B 103 22.48 -5.65 21.65
CA TYR B 103 23.91 -5.98 21.59
C TYR B 103 24.70 -5.03 22.50
N ARG B 104 24.31 -3.75 22.51
CA ARG B 104 24.93 -2.78 23.42
C ARG B 104 24.87 -3.26 24.86
N ASP B 105 23.67 -3.67 25.29
CA ASP B 105 23.46 -4.10 26.66
C ASP B 105 24.33 -5.29 27.04
N VAL B 106 24.69 -6.13 26.06
CA VAL B 106 25.53 -7.25 26.40
C VAL B 106 26.95 -6.76 26.73
N TRP B 107 27.44 -5.75 26.02
CA TRP B 107 28.81 -5.28 26.22
C TRP B 107 28.90 -4.38 27.46
N ASN B 108 27.78 -3.77 27.83
CA ASN B 108 27.71 -3.04 29.10
C ASN B 108 27.87 -4.01 30.27
N LYS B 109 27.18 -5.14 30.18
CA LYS B 109 27.28 -6.16 31.22
C LYS B 109 28.68 -6.79 31.24
N VAL B 110 29.33 -6.85 30.09
CA VAL B 110 30.72 -7.30 30.03
C VAL B 110 31.59 -6.33 30.83
N TYR B 111 31.34 -5.03 30.67
CA TYR B 111 32.03 -4.07 31.52
C TYR B 111 31.55 -4.17 32.97
N GLU B 112 30.23 -4.23 33.16
CA GLU B 112 29.65 -4.29 34.50
C GLU B 112 30.21 -5.43 35.33
N ASP B 113 30.82 -6.42 34.66
CA ASP B 113 31.53 -7.51 35.33
C ASP B 113 33.02 -7.18 35.49
N GLY B 114 33.49 -6.15 34.79
CA GLY B 114 34.84 -5.65 34.99
C GLY B 114 35.89 -6.44 34.24
N ASN B 115 35.50 -7.02 33.11
CA ASN B 115 36.36 -7.89 32.32
C ASN B 115 36.77 -7.23 31.01
N ILE B 116 36.32 -6.01 30.80
CA ILE B 116 36.86 -5.14 29.77
C ILE B 116 36.96 -3.74 30.37
N THR B 117 37.87 -2.94 29.83
CA THR B 117 38.01 -1.55 30.27
C THR B 117 36.82 -0.71 29.81
N LYS B 118 36.83 0.58 30.11
CA LYS B 118 35.73 1.42 29.69
C LYS B 118 35.90 1.78 28.23
N GLU B 119 37.16 2.01 27.84
CA GLU B 119 37.44 2.50 26.49
C GLU B 119 37.38 1.41 25.42
N ARG B 120 37.52 0.15 25.84
CA ARG B 120 37.27 -0.99 24.94
C ARG B 120 35.78 -1.06 24.67
N LEU B 121 34.99 -0.93 25.75
CA LEU B 121 33.54 -0.88 25.66
C LEU B 121 33.10 0.18 24.66
N ASP B 122 33.63 1.40 24.78
CA ASP B 122 33.28 2.45 23.85
C ASP B 122 33.89 2.17 22.47
N GLN B 123 34.98 1.42 22.42
CA GLN B 123 35.56 1.03 21.14
C GLN B 123 34.65 -0.02 20.51
N ILE B 124 34.26 -1.01 21.30
CA ILE B 124 33.32 -2.04 20.88
C ILE B 124 32.00 -1.44 20.42
N LEU B 125 31.48 -0.45 21.16
CA LEU B 125 30.23 0.19 20.80
C LEU B 125 30.36 1.05 19.54
N GLY B 126 31.54 1.64 19.37
CA GLY B 126 31.76 2.53 18.24
C GLY B 126 31.63 1.85 16.90
N THR B 127 31.85 0.55 16.86
CA THR B 127 31.90 -0.16 15.59
C THR B 127 30.53 -0.64 15.10
N PHE B 128 29.46 -0.27 15.81
CA PHE B 128 28.11 -0.56 15.32
C PHE B 128 27.04 0.42 15.80
N LEU B 129 27.11 0.82 17.07
CA LEU B 129 26.03 1.60 17.69
C LEU B 129 25.78 2.99 17.08
N PRO B 130 26.84 3.73 16.72
CA PRO B 130 26.51 4.99 16.04
C PRO B 130 25.91 4.77 14.65
N LEU B 131 26.38 3.77 13.92
CA LEU B 131 25.85 3.47 12.59
C LEU B 131 24.34 3.21 12.64
N TYR B 132 23.92 2.44 13.64
CA TYR B 132 22.51 2.02 13.72
C TYR B 132 21.61 3.09 14.35
N GLU B 133 22.13 3.81 15.36
CA GLU B 133 21.39 4.92 15.94
C GLU B 133 21.11 6.00 14.91
N ASN B 134 22.01 6.13 13.94
CA ASN B 134 21.93 7.18 12.94
C ASN B 134 21.14 6.79 11.71
N ALA B 135 20.49 5.63 11.77
CA ALA B 135 19.79 5.11 10.60
C ALA B 135 18.29 5.38 10.69
N THR B 136 17.68 5.62 9.53
CA THR B 136 16.23 5.81 9.47
C THR B 136 15.51 4.56 9.93
N PRO B 137 14.28 4.74 10.45
CA PRO B 137 13.46 3.58 10.81
C PRO B 137 13.25 2.64 9.63
N ASP B 138 13.18 3.18 8.41
CA ASP B 138 13.07 2.35 7.22
C ASP B 138 14.31 1.48 7.03
N PHE B 139 15.49 2.03 7.29
CA PHE B 139 16.72 1.24 7.17
C PHE B 139 16.83 0.16 8.26
N LEU B 140 16.46 0.50 9.49
CA LEU B 140 16.42 -0.50 10.55
C LEU B 140 15.45 -1.64 10.18
N LYS B 141 14.29 -1.27 9.66
CA LYS B 141 13.29 -2.23 9.20
C LYS B 141 13.88 -3.11 8.09
N PHE B 142 14.54 -2.47 7.13
CA PHE B 142 15.27 -3.12 6.04
C PHE B 142 16.24 -4.18 6.57
N ASP B 143 17.18 -3.74 7.40
CA ASP B 143 18.22 -4.63 7.90
C ASP B 143 17.64 -5.79 8.72
N ALA B 144 16.61 -5.51 9.51
CA ALA B 144 16.01 -6.54 10.35
C ALA B 144 15.27 -7.57 9.49
N THR B 145 14.62 -7.09 8.44
CA THR B 145 13.91 -7.96 7.51
C THR B 145 14.87 -8.94 6.86
N ILE B 146 16.03 -8.44 6.43
CA ILE B 146 17.07 -9.29 5.85
C ILE B 146 17.50 -10.37 6.81
N ASP B 147 17.75 -9.97 8.06
CA ASP B 147 18.10 -10.91 9.09
C ASP B 147 17.01 -11.97 9.28
N CYS B 148 15.77 -11.53 9.39
CA CYS B 148 14.66 -12.44 9.54
C CYS B 148 14.55 -13.42 8.37
N SER B 149 14.88 -12.92 7.19
CA SER B 149 14.77 -13.73 5.97
C SER B 149 15.84 -14.80 5.88
N VAL B 150 17.09 -14.47 6.22
CA VAL B 150 18.14 -15.47 6.11
C VAL B 150 17.98 -16.54 7.20
N VAL B 151 17.53 -16.15 8.40
CA VAL B 151 17.32 -17.16 9.43
C VAL B 151 16.06 -17.97 9.05
N GLY B 152 15.07 -17.29 8.50
CA GLY B 152 13.88 -17.95 7.97
C GLY B 152 14.28 -19.02 6.97
N MET B 153 15.19 -18.67 6.04
CA MET B 153 15.60 -19.62 5.00
C MET B 153 16.29 -20.81 5.64
N GLN B 154 17.14 -20.55 6.64
CA GLN B 154 17.83 -21.65 7.29
C GLN B 154 16.84 -22.52 8.08
N LEU B 155 15.86 -21.90 8.73
CA LEU B 155 14.85 -22.70 9.44
C LEU B 155 14.11 -23.65 8.48
N LEU B 156 13.78 -23.17 7.28
CA LEU B 156 13.13 -24.04 6.29
C LEU B 156 13.97 -25.30 6.02
N LEU B 157 15.29 -25.12 5.87
CA LEU B 157 16.19 -26.23 5.58
C LEU B 157 16.42 -27.10 6.81
N VAL B 158 16.56 -26.44 7.96
CA VAL B 158 16.77 -27.14 9.22
C VAL B 158 15.57 -28.04 9.52
N ALA B 159 14.37 -27.59 9.16
CA ALA B 159 13.18 -28.40 9.40
C ALA B 159 13.23 -29.70 8.63
N ARG B 160 13.65 -29.61 7.37
CA ARG B 160 13.82 -30.79 6.52
C ARG B 160 14.99 -31.66 7.00
N ALA B 161 16.02 -31.03 7.53
CA ALA B 161 17.16 -31.77 8.08
C ALA B 161 16.76 -32.53 9.34
N HIS B 162 15.63 -32.15 9.93
CA HIS B 162 15.13 -32.85 11.11
C HIS B 162 14.06 -33.86 10.72
N GLY B 163 13.83 -34.01 9.42
CA GLY B 163 12.89 -35.00 8.91
C GLY B 163 11.47 -34.48 8.80
N TYR B 164 11.32 -33.16 8.78
CA TYR B 164 10.02 -32.54 8.59
C TYR B 164 9.96 -31.77 7.28
N ASP B 165 8.85 -31.09 7.07
CA ASP B 165 8.73 -30.14 5.97
C ASP B 165 8.15 -28.83 6.48
N ALA B 166 8.05 -27.84 5.61
CA ALA B 166 7.65 -26.52 6.06
C ALA B 166 7.06 -25.65 4.95
N ASN B 167 6.41 -24.56 5.36
CA ASN B 167 5.93 -23.53 4.45
C ASN B 167 6.22 -22.18 5.08
N ALA B 168 6.92 -21.33 4.34
CA ALA B 168 7.03 -19.92 4.73
C ALA B 168 5.81 -19.18 4.22
N PHE B 169 5.23 -18.30 5.04
CA PHE B 169 4.12 -17.50 4.55
C PHE B 169 4.15 -16.08 5.09
N SER B 170 3.78 -15.12 4.23
CA SER B 170 3.69 -13.72 4.64
C SER B 170 2.28 -13.18 4.36
N GLY B 171 1.36 -14.10 4.06
CA GLY B 171 -0.03 -13.74 3.82
C GLY B 171 -0.70 -13.47 5.15
N ILE B 172 -0.38 -12.33 5.74
CA ILE B 172 -0.84 -11.98 7.07
C ILE B 172 -1.44 -10.58 7.13
N ASP B 173 -2.07 -10.29 8.26
CA ASP B 173 -2.55 -8.94 8.54
C ASP B 173 -1.43 -8.17 9.22
N PHE B 174 -0.79 -7.29 8.46
CA PHE B 174 0.41 -6.61 8.93
C PHE B 174 0.12 -5.55 10.00
N GLU B 175 -1.16 -5.25 10.23
CA GLU B 175 -1.51 -4.34 11.32
C GLU B 175 -1.70 -5.12 12.61
N LYS B 176 -2.26 -6.32 12.50
CA LYS B 176 -2.67 -7.07 13.67
C LYS B 176 -1.61 -8.02 14.26
N MET B 177 -0.70 -8.51 13.42
CA MET B 177 0.17 -9.62 13.80
C MET B 177 0.98 -9.35 15.07
N ILE B 178 1.73 -8.25 15.08
CA ILE B 178 2.66 -8.01 16.20
C ILE B 178 1.88 -7.85 17.52
N PRO B 179 0.79 -7.04 17.55
CA PRO B 179 -0.01 -7.00 18.80
C PRO B 179 -0.70 -8.32 19.13
N THR B 180 -1.06 -9.09 18.12
CA THR B 180 -1.64 -10.40 18.36
C THR B 180 -0.64 -11.32 19.05
N LEU B 181 0.64 -11.13 18.71
CA LEU B 181 1.71 -11.92 19.30
C LEU B 181 2.09 -11.40 20.68
N GLY B 182 1.52 -10.26 21.06
CA GLY B 182 1.82 -9.65 22.34
C GLY B 182 3.17 -8.97 22.34
N LEU B 183 3.60 -8.50 21.16
CA LEU B 183 4.89 -7.81 21.06
C LEU B 183 4.68 -6.31 20.89
N ASP B 184 5.73 -5.54 21.12
CA ASP B 184 5.64 -4.09 20.99
C ASP B 184 5.71 -3.65 19.52
N PRO B 185 4.61 -3.06 19.00
CA PRO B 185 4.49 -2.70 17.59
C PRO B 185 5.44 -1.58 17.21
N LYS B 186 5.92 -0.86 18.21
CA LYS B 186 6.89 0.19 17.97
C LYS B 186 8.28 -0.41 17.75
N ARG B 187 8.48 -1.63 18.23
CA ARG B 187 9.81 -2.24 18.20
C ARG B 187 9.96 -3.34 17.14
N TYR B 188 8.99 -4.24 17.08
CA TYR B 188 9.10 -5.41 16.20
C TYR B 188 8.32 -5.25 14.91
N VAL B 189 8.88 -5.75 13.80
CA VAL B 189 8.17 -5.74 12.51
C VAL B 189 7.87 -7.17 12.03
N PRO B 190 6.63 -7.44 11.59
CA PRO B 190 6.30 -8.80 11.16
C PRO B 190 6.96 -9.13 9.81
N VAL B 191 7.59 -10.29 9.71
CA VAL B 191 8.25 -10.65 8.47
C VAL B 191 7.64 -11.90 7.85
N MET B 192 7.73 -13.04 8.54
CA MET B 192 7.12 -14.27 8.00
C MET B 192 6.84 -15.34 9.02
N GLY B 193 5.85 -16.18 8.72
CA GLY B 193 5.61 -17.37 9.52
C GLY B 193 6.23 -18.61 8.87
N ILE B 194 6.68 -19.53 9.71
CA ILE B 194 7.22 -20.79 9.21
C ILE B 194 6.42 -21.94 9.81
N ALA B 195 5.51 -22.50 9.00
CA ALA B 195 4.70 -23.63 9.44
C ALA B 195 5.53 -24.89 9.30
N ILE B 196 5.57 -25.73 10.35
CA ILE B 196 6.40 -26.93 10.33
C ILE B 196 5.63 -28.18 10.71
N GLY B 197 5.82 -29.26 9.96
CA GLY B 197 5.21 -30.53 10.32
C GLY B 197 5.62 -31.66 9.39
N LYS B 198 4.97 -32.81 9.56
CA LYS B 198 5.13 -33.93 8.62
C LYS B 198 4.16 -33.74 7.46
N ALA B 199 4.63 -33.84 6.22
CA ALA B 199 3.77 -33.63 5.05
C ALA B 199 2.56 -34.58 5.02
N ALA B 200 1.37 -34.05 4.72
CA ALA B 200 0.17 -34.87 4.55
C ALA B 200 -0.39 -34.76 3.14
N GLN B 201 0.28 -33.97 2.30
CA GLN B 201 -0.07 -33.88 0.88
C GLN B 201 1.21 -33.87 0.09
N GLU B 202 1.13 -34.18 -1.19
CA GLU B 202 2.26 -33.91 -2.06
C GLU B 202 2.17 -32.43 -2.42
N PRO B 203 3.28 -31.71 -2.27
CA PRO B 203 3.30 -30.26 -2.48
C PRO B 203 3.06 -29.87 -3.93
N LEU B 204 2.48 -28.69 -4.15
CA LEU B 204 2.36 -28.13 -5.49
C LEU B 204 3.72 -28.07 -6.16
N HIS B 205 3.77 -28.57 -7.39
CA HIS B 205 4.94 -28.42 -8.24
C HIS B 205 5.12 -26.96 -8.63
N THR B 206 6.36 -26.49 -8.60
CA THR B 206 6.67 -25.17 -9.15
C THR B 206 7.88 -25.24 -10.07
N THR B 207 8.03 -24.23 -10.92
CA THR B 207 9.21 -24.13 -11.76
C THR B 207 10.01 -22.91 -11.35
N ARG B 208 11.23 -22.80 -11.89
CA ARG B 208 12.02 -21.60 -11.76
C ARG B 208 12.41 -21.09 -13.14
N TYR B 209 12.63 -19.78 -13.26
CA TYR B 209 13.25 -19.23 -14.46
C TYR B 209 14.57 -19.90 -14.70
N ASP B 210 14.95 -19.94 -15.97
CA ASP B 210 16.34 -20.13 -16.35
C ASP B 210 17.13 -18.99 -15.69
N ALA B 211 18.03 -19.31 -14.78
CA ALA B 211 18.70 -18.28 -13.98
C ALA B 211 19.53 -17.32 -14.84
N LYS B 212 19.82 -17.71 -16.09
CA LYS B 212 20.58 -16.82 -16.97
C LYS B 212 19.76 -15.58 -17.31
N THR B 213 18.43 -15.68 -17.24
CA THR B 213 17.58 -14.52 -17.54
C THR B 213 17.69 -13.47 -16.45
N GLN B 214 18.19 -13.88 -15.29
CA GLN B 214 18.25 -12.99 -14.14
C GLN B 214 19.68 -12.57 -13.79
N THR B 215 20.63 -12.93 -14.64
CA THR B 215 22.05 -12.77 -14.33
C THR B 215 22.78 -11.86 -15.32
N ASP B 216 23.53 -10.90 -14.81
CA ASP B 216 24.35 -10.02 -15.64
C ASP B 216 25.82 -10.20 -15.30
N PHE B 217 26.68 -10.20 -16.31
CA PHE B 217 28.12 -10.10 -16.03
C PHE B 217 28.61 -8.69 -16.28
N LEU B 218 29.17 -8.06 -15.25
CA LEU B 218 29.52 -6.65 -15.32
C LEU B 218 30.63 -6.36 -16.33
N ALA B 219 31.69 -7.15 -16.33
CA ALA B 219 32.77 -6.90 -17.32
C ALA B 219 33.48 -8.19 -17.76
N LEU C 10 -28.30 32.73 -12.61
CA LEU C 10 -28.61 31.71 -11.62
C LEU C 10 -29.92 32.00 -10.90
N VAL C 11 -30.82 31.03 -10.85
CA VAL C 11 -32.11 31.21 -10.19
C VAL C 11 -31.94 31.41 -8.69
N ASN C 12 -31.04 30.62 -8.07
CA ASN C 12 -30.73 30.78 -6.65
C ASN C 12 -29.23 30.96 -6.46
N ASN C 13 -28.80 32.16 -6.09
CA ASN C 13 -27.38 32.42 -5.85
C ASN C 13 -27.09 32.54 -4.34
N ASP C 14 -28.04 32.10 -3.53
CA ASP C 14 -27.91 32.14 -2.08
C ASP C 14 -27.20 30.86 -1.61
N LEU C 15 -25.89 30.96 -1.40
CA LEU C 15 -25.08 29.79 -1.05
C LEU C 15 -25.62 29.03 0.15
N ALA C 16 -25.85 29.75 1.25
CA ALA C 16 -26.35 29.14 2.46
C ALA C 16 -27.67 28.41 2.19
N ASP C 17 -28.58 29.04 1.47
CA ASP C 17 -29.83 28.37 1.14
C ASP C 17 -29.60 27.16 0.27
N VAL C 18 -28.81 27.34 -0.80
CA VAL C 18 -28.55 26.26 -1.73
C VAL C 18 -27.90 25.06 -1.04
N MET C 19 -26.85 25.34 -0.25
CA MET C 19 -26.10 24.26 0.38
C MET C 19 -26.80 23.69 1.61
N PHE C 20 -27.17 24.55 2.56
CA PHE C 20 -27.62 24.10 3.86
C PHE C 20 -29.10 23.68 3.84
N ASN C 21 -29.82 24.05 2.78
CA ASN C 21 -31.20 23.59 2.63
C ASN C 21 -31.37 22.54 1.56
N ARG C 22 -30.24 21.94 1.17
CA ARG C 22 -30.21 20.86 0.18
C ARG C 22 -30.63 19.55 0.81
N HIS C 23 -31.66 18.92 0.24
CA HIS C 23 -32.03 17.56 0.62
C HIS C 23 -32.09 16.65 -0.61
N SER C 24 -32.06 15.35 -0.38
CA SER C 24 -32.31 14.40 -1.46
C SER C 24 -33.81 14.44 -1.81
N VAL C 25 -34.11 14.87 -3.02
CA VAL C 25 -35.49 14.84 -3.54
C VAL C 25 -35.62 13.64 -4.47
N ARG C 26 -36.64 12.81 -4.27
CA ARG C 26 -36.70 11.54 -4.98
C ARG C 26 -37.97 11.40 -5.81
N GLN C 27 -38.80 12.43 -5.81
CA GLN C 27 -39.99 12.43 -6.64
C GLN C 27 -40.13 13.79 -7.31
N PHE C 28 -40.05 13.77 -8.64
CA PHE C 28 -40.04 14.98 -9.43
C PHE C 28 -41.30 15.10 -10.30
N ASP C 29 -41.62 16.32 -10.70
CA ASP C 29 -42.73 16.58 -11.60
C ASP C 29 -42.40 16.10 -13.01
N PRO C 30 -43.11 15.05 -13.47
CA PRO C 30 -42.85 14.46 -14.79
C PRO C 30 -43.13 15.42 -15.94
N ASN C 31 -44.00 16.41 -15.71
CA ASN C 31 -44.35 17.37 -16.75
C ASN C 31 -43.22 18.34 -16.99
N VAL C 32 -42.33 18.45 -16.02
CA VAL C 32 -41.18 19.34 -16.11
C VAL C 32 -40.00 18.63 -16.76
N LYS C 33 -39.41 19.27 -17.77
CA LYS C 33 -38.22 18.74 -18.40
C LYS C 33 -37.22 19.88 -18.61
N ILE C 34 -35.96 19.52 -18.77
CA ILE C 34 -34.88 20.50 -18.81
C ILE C 34 -34.16 20.43 -20.15
N GLY C 35 -33.93 21.58 -20.77
CA GLY C 35 -33.35 21.62 -22.10
C GLY C 35 -31.92 21.14 -22.08
N ARG C 36 -31.43 20.66 -23.23
CA ARG C 36 -30.08 20.14 -23.29
C ARG C 36 -29.03 21.24 -23.19
N ASP C 37 -29.37 22.44 -23.64
CA ASP C 37 -28.48 23.58 -23.47
C ASP C 37 -28.19 23.81 -21.99
N GLU C 38 -29.23 23.77 -21.17
CA GLU C 38 -29.05 24.03 -19.75
C GLU C 38 -28.37 22.86 -19.06
N LEU C 39 -28.70 21.64 -19.48
CA LEU C 39 -28.08 20.44 -18.89
C LEU C 39 -26.56 20.47 -19.05
N GLN C 40 -26.11 20.78 -20.26
CA GLN C 40 -24.68 20.81 -20.53
C GLN C 40 -24.04 21.97 -19.78
N LYS C 41 -24.78 23.07 -19.63
CA LYS C 41 -24.27 24.24 -18.94
C LYS C 41 -24.12 23.99 -17.41
N MET C 42 -25.06 23.25 -16.83
CA MET C 42 -24.97 22.86 -15.42
C MET C 42 -23.79 21.89 -15.22
N ILE C 43 -23.63 20.98 -16.18
CA ILE C 43 -22.45 20.12 -16.21
C ILE C 43 -21.15 20.95 -16.24
N ALA C 44 -21.03 21.87 -17.20
CA ALA C 44 -19.87 22.76 -17.25
C ALA C 44 -19.65 23.49 -15.90
N GLU C 45 -20.74 23.86 -15.25
CA GLU C 45 -20.61 24.64 -14.02
C GLU C 45 -20.09 23.76 -12.90
N ALA C 46 -20.60 22.53 -12.82
CA ALA C 46 -20.13 21.57 -11.84
C ALA C 46 -18.64 21.31 -12.04
N ALA C 47 -18.25 21.24 -13.32
CA ALA C 47 -16.90 20.87 -13.74
C ALA C 47 -15.83 21.89 -13.36
N THR C 48 -16.23 23.04 -12.81
CA THR C 48 -15.26 23.95 -12.19
C THR C 48 -14.60 23.31 -10.96
N ALA C 49 -15.13 22.17 -10.52
CA ALA C 49 -14.59 21.43 -9.38
C ALA C 49 -13.12 21.17 -9.53
N PRO C 50 -12.40 20.97 -8.42
CA PRO C 50 -10.98 20.61 -8.45
C PRO C 50 -10.80 19.12 -8.77
N SER C 51 -9.58 18.73 -9.10
CA SER C 51 -9.24 17.33 -9.33
C SER C 51 -7.73 17.22 -9.21
N ALA C 52 -7.21 16.09 -8.75
CA ALA C 52 -5.75 15.92 -8.65
C ALA C 52 -5.13 16.08 -10.03
N CYS C 53 -4.09 16.92 -10.10
CA CYS C 53 -3.34 17.22 -11.31
C CYS C 53 -4.23 17.79 -12.42
N ASN C 54 -5.40 18.30 -12.02
CA ASN C 54 -6.40 18.86 -12.94
C ASN C 54 -6.81 17.88 -14.05
N LEU C 55 -6.72 16.59 -13.78
CA LEU C 55 -7.06 15.59 -14.79
C LEU C 55 -8.56 15.52 -15.10
N GLN C 56 -9.39 16.10 -14.22
CA GLN C 56 -10.83 16.18 -14.49
C GLN C 56 -11.41 14.85 -14.93
N SER C 57 -11.13 13.79 -14.17
CA SER C 57 -11.35 12.41 -14.66
C SER C 57 -12.82 11.94 -14.67
N TRP C 58 -13.75 12.89 -14.74
CA TRP C 58 -15.16 12.56 -14.69
C TRP C 58 -15.70 12.43 -16.11
N HIS C 59 -16.72 11.60 -16.27
CA HIS C 59 -17.40 11.41 -17.55
C HIS C 59 -18.90 11.35 -17.27
N PHE C 60 -19.68 12.09 -18.08
CA PHE C 60 -21.10 12.24 -17.86
C PHE C 60 -21.91 11.54 -18.96
N VAL C 61 -22.89 10.73 -18.57
CA VAL C 61 -23.86 10.20 -19.52
C VAL C 61 -25.22 10.73 -19.14
N VAL C 62 -25.81 11.52 -20.03
CA VAL C 62 -27.09 12.15 -19.75
C VAL C 62 -28.25 11.31 -20.27
N VAL C 63 -29.19 11.03 -19.37
CA VAL C 63 -30.34 10.18 -19.63
C VAL C 63 -31.57 11.08 -19.50
N ASP C 64 -32.17 11.45 -20.62
CA ASP C 64 -33.21 12.48 -20.58
C ASP C 64 -34.37 12.25 -21.58
N THR C 65 -34.55 11.00 -21.97
CA THR C 65 -35.68 10.58 -22.78
C THR C 65 -36.21 9.30 -22.18
N PRO C 66 -37.47 8.93 -22.49
CA PRO C 66 -38.00 7.67 -21.96
C PRO C 66 -37.23 6.43 -22.42
N GLU C 67 -36.81 6.40 -23.68
CA GLU C 67 -36.04 5.27 -24.21
C GLU C 67 -34.71 5.12 -23.47
N ALA C 68 -34.06 6.25 -23.24
CA ALA C 68 -32.81 6.27 -22.48
C ALA C 68 -33.02 5.71 -21.07
N LYS C 69 -34.09 6.14 -20.41
CA LYS C 69 -34.37 5.70 -19.04
C LYS C 69 -34.61 4.20 -19.02
N ALA C 70 -35.42 3.70 -19.96
CA ALA C 70 -35.69 2.27 -20.08
C ALA C 70 -34.41 1.45 -20.13
N LYS C 71 -33.51 1.87 -21.01
CA LYS C 71 -32.20 1.27 -21.15
C LYS C 71 -31.43 1.43 -19.83
N PHE C 72 -31.39 2.65 -19.32
CA PHE C 72 -30.63 3.00 -18.10
C PHE C 72 -31.12 2.17 -16.91
N LYS C 73 -32.43 2.05 -16.76
CA LYS C 73 -33.01 1.34 -15.61
C LYS C 73 -32.60 -0.13 -15.54
N GLN C 74 -32.15 -0.67 -16.68
CA GLN C 74 -31.65 -2.05 -16.68
C GLN C 74 -30.49 -2.26 -15.71
N ALA C 75 -29.79 -1.19 -15.33
CA ALA C 75 -28.66 -1.31 -14.41
C ALA C 75 -28.90 -0.50 -13.13
N VAL C 76 -30.15 -0.13 -12.91
CA VAL C 76 -30.54 0.59 -11.71
C VAL C 76 -31.46 -0.28 -10.84
N MET C 77 -31.15 -0.41 -9.56
CA MET C 77 -31.96 -1.21 -8.64
C MET C 77 -33.34 -0.58 -8.48
N LYS C 78 -34.33 -1.45 -8.26
CA LYS C 78 -35.74 -1.04 -8.34
C LYS C 78 -36.11 0.09 -7.39
N PHE C 79 -35.48 0.15 -6.21
CA PHE C 79 -35.90 1.15 -5.24
C PHE C 79 -35.53 2.57 -5.68
N ASN C 80 -34.69 2.69 -6.70
CA ASN C 80 -34.35 4.00 -7.26
C ASN C 80 -35.16 4.36 -8.50
N TYR C 81 -36.11 3.51 -8.85
CA TYR C 81 -36.97 3.78 -10.00
C TYR C 81 -37.84 5.03 -9.83
N PRO C 82 -38.35 5.33 -8.62
CA PRO C 82 -39.15 6.57 -8.57
C PRO C 82 -38.38 7.78 -9.07
N GLN C 83 -37.13 7.93 -8.64
CA GLN C 83 -36.29 9.05 -9.06
C GLN C 83 -36.04 9.04 -10.55
N VAL C 84 -35.72 7.87 -11.08
CA VAL C 84 -35.33 7.77 -12.47
C VAL C 84 -36.53 7.99 -13.39
N ASP C 85 -37.67 7.38 -13.09
CA ASP C 85 -38.89 7.58 -13.87
C ASP C 85 -39.34 9.04 -13.89
N SER C 86 -39.29 9.71 -12.74
CA SER C 86 -39.93 11.02 -12.62
C SER C 86 -39.03 12.22 -12.95
N ALA C 87 -37.71 12.02 -12.93
CA ALA C 87 -36.77 13.13 -13.11
C ALA C 87 -36.79 13.71 -14.53
N SER C 88 -36.44 14.98 -14.64
CA SER C 88 -36.26 15.60 -15.95
C SER C 88 -35.08 14.98 -16.67
N ALA C 89 -34.04 14.70 -15.91
CA ALA C 89 -32.82 14.11 -16.47
C ALA C 89 -31.99 13.48 -15.39
N ILE C 90 -31.28 12.42 -15.76
CA ILE C 90 -30.29 11.84 -14.88
C ILE C 90 -28.93 11.99 -15.54
N VAL C 91 -27.98 12.50 -14.78
CA VAL C 91 -26.60 12.58 -15.23
C VAL C 91 -25.83 11.52 -14.51
N PHE C 92 -25.50 10.44 -15.21
CA PHE C 92 -24.65 9.44 -14.57
C PHE C 92 -23.19 9.81 -14.72
N ILE C 93 -22.48 9.72 -13.60
CA ILE C 93 -21.08 10.11 -13.53
C ILE C 93 -20.21 8.88 -13.38
N ALA C 94 -19.31 8.70 -14.35
CA ALA C 94 -18.39 7.56 -14.36
C ALA C 94 -16.97 8.08 -14.38
N GLY C 95 -16.04 7.35 -13.76
CA GLY C 95 -14.66 7.80 -13.64
C GLY C 95 -13.75 7.22 -14.70
N ASP C 96 -13.00 8.09 -15.36
CA ASP C 96 -12.07 7.71 -16.43
C ASP C 96 -10.68 7.40 -15.87
N THR C 97 -10.35 6.11 -15.77
CA THR C 97 -9.05 5.70 -15.24
C THR C 97 -7.92 5.80 -16.28
N GLN C 98 -8.24 6.30 -17.46
CA GLN C 98 -7.19 6.58 -18.45
C GLN C 98 -7.10 8.08 -18.71
N SER C 99 -7.55 8.87 -17.75
CA SER C 99 -7.64 10.32 -17.93
C SER C 99 -6.25 10.97 -18.04
N HIS C 100 -5.24 10.33 -17.47
CA HIS C 100 -3.87 10.84 -17.59
C HIS C 100 -3.37 10.78 -19.04
N TYR C 101 -3.79 9.77 -19.80
CA TYR C 101 -3.44 9.68 -21.22
C TYR C 101 -4.19 10.74 -22.05
N VAL C 102 -5.41 11.08 -21.63
CA VAL C 102 -6.16 12.15 -22.27
C VAL C 102 -5.41 13.48 -22.10
N TYR C 103 -4.98 13.76 -20.87
CA TYR C 103 -4.23 14.98 -20.56
C TYR C 103 -2.94 15.04 -21.36
N ARG C 104 -2.27 13.89 -21.44
CA ARG C 104 -1.05 13.76 -22.23
C ARG C 104 -1.30 14.03 -23.72
N ASP C 105 -2.35 13.44 -24.27
CA ASP C 105 -2.70 13.66 -25.69
C ASP C 105 -2.95 15.12 -25.98
N VAL C 106 -3.65 15.80 -25.08
CA VAL C 106 -3.83 17.25 -25.21
C VAL C 106 -2.52 17.98 -25.47
N TRP C 107 -1.55 17.84 -24.56
CA TRP C 107 -0.29 18.56 -24.65
C TRP C 107 0.58 18.03 -25.79
N ASN C 108 0.59 16.72 -25.99
CA ASN C 108 1.37 16.10 -27.07
C ASN C 108 1.04 16.72 -28.41
N LYS C 109 -0.24 16.91 -28.68
CA LYS C 109 -0.65 17.44 -29.95
C LYS C 109 -0.32 18.92 -30.09
N VAL C 110 -0.15 19.62 -28.97
CA VAL C 110 0.26 21.02 -29.05
C VAL C 110 1.72 21.10 -29.53
N TYR C 111 2.54 20.20 -29.01
CA TYR C 111 3.94 20.11 -29.41
C TYR C 111 4.07 19.67 -30.87
N GLU C 112 3.31 18.65 -31.25
CA GLU C 112 3.37 18.11 -32.60
C GLU C 112 2.99 19.18 -33.62
N ASP C 113 2.07 20.06 -33.24
CA ASP C 113 1.73 21.22 -34.05
C ASP C 113 2.89 22.21 -34.14
N GLY C 114 3.69 22.29 -33.07
CA GLY C 114 4.86 23.14 -33.09
C GLY C 114 4.68 24.46 -32.34
N ASN C 115 3.81 24.46 -31.33
CA ASN C 115 3.54 25.65 -30.55
C ASN C 115 4.12 25.58 -29.16
N ILE C 116 4.68 24.42 -28.81
CA ILE C 116 5.59 24.29 -27.67
C ILE C 116 6.74 23.38 -28.11
N THR C 117 7.85 23.46 -27.39
CA THR C 117 9.04 22.68 -27.74
C THR C 117 9.04 21.27 -27.14
N LYS C 118 10.02 20.48 -27.55
CA LYS C 118 10.29 19.16 -26.97
C LYS C 118 10.51 19.25 -25.46
N GLU C 119 11.30 20.23 -25.04
CA GLU C 119 11.65 20.36 -23.64
C GLU C 119 10.52 20.96 -22.81
N ARG C 120 9.76 21.88 -23.38
CA ARG C 120 8.62 22.44 -22.65
C ARG C 120 7.56 21.37 -22.43
N LEU C 121 7.42 20.48 -23.41
CA LEU C 121 6.52 19.34 -23.33
C LEU C 121 6.95 18.40 -22.20
N ASP C 122 8.25 18.14 -22.12
CA ASP C 122 8.78 17.26 -21.10
C ASP C 122 8.55 17.85 -19.71
N GLN C 123 8.76 19.14 -19.58
CA GLN C 123 8.52 19.86 -18.34
C GLN C 123 7.06 19.71 -17.90
N ILE C 124 6.14 19.89 -18.85
CA ILE C 124 4.72 19.70 -18.62
C ILE C 124 4.38 18.27 -18.22
N LEU C 125 4.67 17.32 -19.10
CA LEU C 125 4.34 15.92 -18.85
C LEU C 125 4.97 15.41 -17.54
N GLY C 126 6.13 15.96 -17.19
CA GLY C 126 6.88 15.52 -16.03
C GLY C 126 6.12 15.68 -14.73
N THR C 127 5.31 16.74 -14.65
CA THR C 127 4.55 17.04 -13.44
C THR C 127 3.48 16.00 -13.10
N PHE C 128 2.98 15.26 -14.09
CA PHE C 128 1.87 14.34 -13.79
C PHE C 128 2.03 12.92 -14.35
N LEU C 129 2.60 12.79 -15.54
CA LEU C 129 2.52 11.51 -16.25
C LEU C 129 3.32 10.37 -15.60
N PRO C 130 4.54 10.65 -15.08
CA PRO C 130 5.23 9.57 -14.37
C PRO C 130 4.39 9.02 -13.22
N LEU C 131 3.86 9.92 -12.40
CA LEU C 131 3.05 9.53 -11.25
C LEU C 131 1.90 8.59 -11.63
N TYR C 132 1.13 8.97 -12.66
CA TYR C 132 -0.06 8.21 -12.99
C TYR C 132 0.25 6.93 -13.77
N GLU C 133 1.30 6.94 -14.59
CA GLU C 133 1.77 5.70 -15.20
C GLU C 133 2.35 4.75 -14.14
N ASN C 134 2.98 5.32 -13.11
CA ASN C 134 3.52 4.54 -11.99
C ASN C 134 2.48 4.17 -10.93
N ALA C 135 1.23 4.58 -11.13
CA ALA C 135 0.21 4.40 -10.09
C ALA C 135 -0.48 3.05 -10.21
N THR C 136 -0.87 2.50 -9.07
CA THR C 136 -1.68 1.29 -9.02
C THR C 136 -3.05 1.52 -9.69
N PRO C 137 -3.62 0.46 -10.28
CA PRO C 137 -4.98 0.61 -10.81
C PRO C 137 -5.96 0.98 -9.68
N ASP C 138 -5.67 0.50 -8.47
CA ASP C 138 -6.46 0.89 -7.31
C ASP C 138 -6.42 2.40 -7.13
N PHE C 139 -5.21 2.98 -7.14
CA PHE C 139 -5.09 4.42 -7.02
C PHE C 139 -5.79 5.14 -8.17
N LEU C 140 -5.67 4.61 -9.39
CA LEU C 140 -6.34 5.23 -10.53
C LEU C 140 -7.87 5.24 -10.28
N LYS C 141 -8.41 4.11 -9.86
CA LYS C 141 -9.85 4.04 -9.56
C LYS C 141 -10.24 5.00 -8.41
N PHE C 142 -9.42 5.00 -7.36
CA PHE C 142 -9.59 5.87 -6.18
C PHE C 142 -9.65 7.33 -6.56
N ASP C 143 -8.66 7.76 -7.33
CA ASP C 143 -8.55 9.16 -7.71
C ASP C 143 -9.69 9.57 -8.65
N ALA C 144 -10.05 8.69 -9.58
CA ALA C 144 -11.14 8.99 -10.49
C ALA C 144 -12.46 9.07 -9.70
N THR C 145 -12.59 8.20 -8.70
CA THR C 145 -13.81 8.19 -7.88
C THR C 145 -13.96 9.52 -7.13
N ILE C 146 -12.85 9.99 -6.56
CA ILE C 146 -12.85 11.28 -5.88
C ILE C 146 -13.27 12.41 -6.80
N ASP C 147 -12.68 12.47 -8.00
CA ASP C 147 -13.08 13.46 -8.98
C ASP C 147 -14.58 13.39 -9.26
N CYS C 148 -15.09 12.19 -9.54
CA CYS C 148 -16.52 11.99 -9.78
C CYS C 148 -17.37 12.47 -8.61
N SER C 149 -16.90 12.24 -7.40
CA SER C 149 -17.69 12.61 -6.24
C SER C 149 -17.70 14.13 -6.03
N VAL C 150 -16.55 14.80 -6.21
CA VAL C 150 -16.51 16.25 -5.98
C VAL C 150 -17.32 16.98 -7.06
N VAL C 151 -17.26 16.52 -8.30
CA VAL C 151 -18.04 17.19 -9.34
C VAL C 151 -19.52 16.86 -9.16
N GLY C 152 -19.79 15.66 -8.67
CA GLY C 152 -21.16 15.27 -8.38
C GLY C 152 -21.74 16.13 -7.27
N MET C 153 -20.92 16.44 -6.26
CA MET C 153 -21.37 17.29 -5.17
C MET C 153 -21.69 18.66 -5.73
N GLN C 154 -20.77 19.21 -6.52
CA GLN C 154 -21.01 20.52 -7.09
C GLN C 154 -22.24 20.52 -8.00
N LEU C 155 -22.54 19.40 -8.66
CA LEU C 155 -23.71 19.35 -9.54
C LEU C 155 -25.01 19.38 -8.72
N LEU C 156 -25.04 18.68 -7.60
CA LEU C 156 -26.19 18.74 -6.68
C LEU C 156 -26.49 20.19 -6.35
N LEU C 157 -25.43 20.95 -6.08
CA LEU C 157 -25.56 22.34 -5.69
C LEU C 157 -25.94 23.20 -6.89
N VAL C 158 -25.31 22.94 -8.04
CA VAL C 158 -25.61 23.69 -9.26
C VAL C 158 -27.10 23.51 -9.64
N ALA C 159 -27.60 22.29 -9.46
CA ALA C 159 -29.00 21.99 -9.77
C ALA C 159 -29.96 22.88 -8.98
N ARG C 160 -29.65 23.09 -7.69
CA ARG C 160 -30.51 23.91 -6.87
C ARG C 160 -30.30 25.38 -7.23
N ALA C 161 -29.08 25.71 -7.63
CA ALA C 161 -28.77 27.07 -8.08
C ALA C 161 -29.58 27.45 -9.33
N HIS C 162 -30.02 26.43 -10.08
CA HIS C 162 -30.83 26.67 -11.28
C HIS C 162 -32.33 26.52 -11.00
N GLY C 163 -32.71 26.31 -9.74
CA GLY C 163 -34.13 26.26 -9.42
C GLY C 163 -34.70 24.85 -9.35
N TYR C 164 -33.82 23.86 -9.47
CA TYR C 164 -34.25 22.49 -9.39
C TYR C 164 -33.84 21.88 -8.07
N ASP C 165 -34.00 20.57 -7.97
CA ASP C 165 -33.52 19.81 -6.84
C ASP C 165 -33.01 18.51 -7.42
N ALA C 166 -32.40 17.69 -6.58
CA ALA C 166 -31.71 16.53 -7.08
C ALA C 166 -31.53 15.44 -6.03
N ASN C 167 -31.15 14.27 -6.52
CA ASN C 167 -30.85 13.14 -5.67
C ASN C 167 -29.62 12.46 -6.24
N ALA C 168 -28.62 12.24 -5.41
CA ALA C 168 -27.49 11.40 -5.84
C ALA C 168 -27.80 9.98 -5.48
N PHE C 169 -27.46 9.04 -6.35
CA PHE C 169 -27.71 7.64 -6.03
C PHE C 169 -26.67 6.69 -6.59
N SER C 170 -26.38 5.62 -5.84
CA SER C 170 -25.42 4.63 -6.27
C SER C 170 -26.00 3.25 -6.11
N GLY C 171 -27.31 3.20 -5.89
CA GLY C 171 -28.01 1.95 -5.76
C GLY C 171 -28.20 1.31 -7.12
N ILE C 172 -27.11 0.76 -7.66
CA ILE C 172 -27.08 0.31 -9.06
C ILE C 172 -26.47 -1.07 -9.15
N ASP C 173 -26.59 -1.67 -10.33
CA ASP C 173 -25.81 -2.87 -10.64
C ASP C 173 -24.43 -2.43 -11.14
N PHE C 174 -23.45 -2.47 -10.25
CA PHE C 174 -22.12 -1.92 -10.55
C PHE C 174 -21.41 -2.62 -11.70
N GLU C 175 -21.71 -3.89 -11.91
CA GLU C 175 -21.04 -4.65 -12.95
C GLU C 175 -21.72 -4.44 -14.31
N LYS C 176 -22.97 -3.97 -14.27
CA LYS C 176 -23.78 -3.87 -15.47
C LYS C 176 -23.84 -2.44 -16.02
N MET C 177 -23.69 -1.44 -15.14
CA MET C 177 -23.92 -0.04 -15.51
C MET C 177 -23.07 0.46 -16.70
N ILE C 178 -21.77 0.16 -16.68
CA ILE C 178 -20.89 0.73 -17.70
C ILE C 178 -21.19 0.18 -19.10
N PRO C 179 -21.40 -1.14 -19.26
CA PRO C 179 -21.85 -1.62 -20.58
C PRO C 179 -23.21 -1.07 -20.98
N THR C 180 -24.13 -0.98 -20.01
CA THR C 180 -25.44 -0.40 -20.28
C THR C 180 -25.33 1.03 -20.81
N LEU C 181 -24.30 1.74 -20.40
CA LEU C 181 -24.09 3.10 -20.89
C LEU C 181 -23.30 3.06 -22.19
N GLY C 182 -22.93 1.86 -22.62
CA GLY C 182 -22.16 1.71 -23.85
C GLY C 182 -20.73 2.19 -23.68
N LEU C 183 -20.22 2.08 -22.47
CA LEU C 183 -18.87 2.59 -22.20
C LEU C 183 -17.89 1.45 -22.00
N ASP C 184 -16.60 1.72 -22.12
CA ASP C 184 -15.58 0.70 -21.97
C ASP C 184 -15.41 0.34 -20.50
N PRO C 185 -15.78 -0.90 -20.13
CA PRO C 185 -15.72 -1.36 -18.74
C PRO C 185 -14.29 -1.53 -18.23
N LYS C 186 -13.32 -1.59 -19.13
CA LYS C 186 -11.92 -1.64 -18.74
C LYS C 186 -11.42 -0.23 -18.42
N ARG C 187 -12.21 0.78 -18.79
CA ARG C 187 -11.75 2.16 -18.65
C ARG C 187 -12.49 2.93 -17.56
N TYR C 188 -13.82 2.79 -17.52
CA TYR C 188 -14.67 3.62 -16.69
C TYR C 188 -15.18 2.88 -15.45
N VAL C 189 -15.20 3.58 -14.32
CA VAL C 189 -15.76 3.03 -13.09
C VAL C 189 -17.06 3.77 -12.81
N PRO C 190 -18.16 3.02 -12.59
CA PRO C 190 -19.43 3.67 -12.28
C PRO C 190 -19.39 4.25 -10.86
N VAL C 191 -19.84 5.49 -10.68
CA VAL C 191 -19.76 6.10 -9.36
C VAL C 191 -21.14 6.47 -8.82
N MET C 192 -21.79 7.45 -9.42
CA MET C 192 -23.13 7.81 -8.97
C MET C 192 -24.01 8.37 -10.08
N GLY C 193 -25.31 8.22 -9.90
CA GLY C 193 -26.29 8.92 -10.71
C GLY C 193 -26.74 10.18 -9.99
N ILE C 194 -26.99 11.23 -10.76
CA ILE C 194 -27.58 12.46 -10.25
C ILE C 194 -28.92 12.68 -10.94
N ALA C 195 -30.01 12.37 -10.24
CA ALA C 195 -31.35 12.62 -10.79
C ALA C 195 -31.70 14.08 -10.55
N ILE C 196 -32.09 14.80 -11.61
CA ILE C 196 -32.42 16.22 -11.52
C ILE C 196 -33.86 16.51 -11.95
N GLY C 197 -34.51 17.47 -11.29
CA GLY C 197 -35.86 17.85 -11.67
C GLY C 197 -36.48 18.83 -10.68
N LYS C 198 -37.77 19.11 -10.86
CA LYS C 198 -38.47 19.96 -9.92
C LYS C 198 -39.22 19.06 -8.95
N ALA C 199 -39.11 19.39 -7.67
CA ALA C 199 -39.62 18.53 -6.60
C ALA C 199 -41.13 18.31 -6.69
N ALA C 200 -41.55 17.06 -6.55
CA ALA C 200 -42.97 16.71 -6.51
C ALA C 200 -43.29 15.99 -5.19
N GLN C 201 -42.37 16.15 -4.24
CA GLN C 201 -42.55 15.67 -2.87
C GLN C 201 -41.80 16.63 -1.97
N GLU C 202 -42.15 16.67 -0.69
CA GLU C 202 -41.25 17.31 0.26
C GLU C 202 -40.26 16.23 0.69
N PRO C 203 -38.96 16.54 0.58
CA PRO C 203 -37.96 15.50 0.80
C PRO C 203 -37.95 14.94 2.24
N LEU C 204 -37.61 13.66 2.33
CA LEU C 204 -37.37 12.96 3.59
C LEU C 204 -36.40 13.72 4.49
N HIS C 205 -36.81 14.08 5.70
CA HIS C 205 -35.93 14.83 6.60
C HIS C 205 -34.84 13.94 7.17
N THR C 206 -33.61 14.47 7.27
CA THR C 206 -32.50 13.72 7.88
C THR C 206 -31.73 14.55 8.90
N THR C 207 -30.99 13.87 9.77
CA THR C 207 -30.18 14.55 10.77
C THR C 207 -28.72 14.11 10.77
N ARG C 208 -27.83 15.06 10.97
CA ARG C 208 -26.39 14.76 11.03
C ARG C 208 -25.93 14.56 12.46
N TYR C 209 -24.94 13.68 12.64
CA TYR C 209 -24.20 13.65 13.89
C TYR C 209 -23.76 15.05 14.25
N ASP C 210 -23.64 15.31 15.53
CA ASP C 210 -22.84 16.42 16.00
C ASP C 210 -21.43 16.22 15.48
N ALA C 211 -20.92 17.19 14.72
CA ALA C 211 -19.63 17.02 14.05
C ALA C 211 -18.47 16.89 15.04
N LYS C 212 -18.64 17.35 16.28
CA LYS C 212 -17.59 17.19 17.28
C LYS C 212 -17.31 15.72 17.54
N THR C 213 -18.31 14.87 17.33
CA THR C 213 -18.12 13.42 17.50
C THR C 213 -17.20 12.83 16.43
N GLN C 214 -17.08 13.51 15.30
CA GLN C 214 -16.29 13.00 14.18
C GLN C 214 -14.97 13.74 14.00
N THR C 215 -14.64 14.61 14.96
CA THR C 215 -13.52 15.53 14.82
C THR C 215 -12.47 15.39 15.93
N ASP C 216 -11.22 15.17 15.54
CA ASP C 216 -10.10 15.10 16.50
C ASP C 216 -9.15 16.28 16.29
N PHE C 217 -8.51 16.76 17.35
CA PHE C 217 -7.42 17.72 17.15
C PHE C 217 -6.10 17.04 17.45
N LEU C 218 -5.24 16.97 16.45
CA LEU C 218 -3.98 16.22 16.53
C LEU C 218 -3.10 16.69 17.69
N ALA C 219 -3.08 17.99 17.93
CA ALA C 219 -2.48 18.48 19.18
C ALA C 219 -3.07 19.84 19.60
N LEU D 10 -22.41 34.27 7.26
CA LEU D 10 -21.43 33.95 6.23
C LEU D 10 -20.80 35.20 5.63
N VAL D 11 -19.48 35.24 5.62
CA VAL D 11 -18.73 36.33 5.01
C VAL D 11 -19.01 36.49 3.50
N ASN D 12 -19.07 35.38 2.78
CA ASN D 12 -19.36 35.41 1.34
C ASN D 12 -20.47 34.42 1.00
N ASN D 13 -21.65 34.95 0.72
CA ASN D 13 -22.82 34.12 0.42
C ASN D 13 -23.19 34.17 -1.06
N ASP D 14 -22.23 34.64 -1.86
CA ASP D 14 -22.35 34.69 -3.31
C ASP D 14 -21.93 33.36 -3.90
N LEU D 15 -22.89 32.49 -4.21
CA LEU D 15 -22.59 31.13 -4.62
C LEU D 15 -21.71 31.10 -5.85
N ALA D 16 -22.05 31.96 -6.81
CA ALA D 16 -21.34 31.99 -8.08
C ALA D 16 -19.90 32.36 -7.81
N ASP D 17 -19.71 33.40 -7.01
CA ASP D 17 -18.39 33.85 -6.65
C ASP D 17 -17.65 32.75 -5.87
N VAL D 18 -18.30 32.20 -4.86
CA VAL D 18 -17.69 31.17 -4.02
C VAL D 18 -17.29 29.93 -4.83
N MET D 19 -18.18 29.46 -5.69
CA MET D 19 -17.93 28.24 -6.44
C MET D 19 -17.10 28.48 -7.70
N PHE D 20 -17.46 29.48 -8.51
CA PHE D 20 -16.82 29.64 -9.82
C PHE D 20 -15.49 30.37 -9.78
N ASN D 21 -15.21 31.08 -8.70
CA ASN D 21 -13.89 31.70 -8.55
C ASN D 21 -13.05 30.99 -7.49
N ARG D 22 -13.42 29.76 -7.18
CA ARG D 22 -12.61 28.92 -6.29
C ARG D 22 -11.35 28.46 -7.01
N HIS D 23 -10.20 28.69 -6.38
CA HIS D 23 -8.92 28.20 -6.89
C HIS D 23 -8.18 27.49 -5.77
N SER D 24 -7.33 26.55 -6.13
CA SER D 24 -6.41 25.98 -5.17
C SER D 24 -5.43 27.07 -4.76
N VAL D 25 -5.33 27.33 -3.46
CA VAL D 25 -4.37 28.28 -2.94
C VAL D 25 -3.33 27.49 -2.17
N ARG D 26 -2.06 27.68 -2.51
CA ARG D 26 -1.00 26.85 -1.93
C ARG D 26 -0.02 27.67 -1.08
N GLN D 27 -0.26 28.97 -0.97
CA GLN D 27 0.58 29.83 -0.16
C GLN D 27 -0.32 30.73 0.65
N PHE D 28 -0.29 30.52 1.96
CA PHE D 28 -1.14 31.21 2.92
C PHE D 28 -0.34 32.18 3.79
N ASP D 29 -1.05 33.13 4.40
CA ASP D 29 -0.46 34.05 5.35
C ASP D 29 -0.26 33.32 6.68
N PRO D 30 1.00 33.04 7.03
CA PRO D 30 1.34 32.25 8.22
C PRO D 30 0.94 32.94 9.53
N ASN D 31 0.60 34.23 9.46
CA ASN D 31 0.24 34.97 10.66
C ASN D 31 -1.26 34.95 10.97
N VAL D 32 -2.07 34.48 10.03
CA VAL D 32 -3.52 34.39 10.24
C VAL D 32 -3.92 33.10 10.97
N LYS D 33 -4.58 33.24 12.11
CA LYS D 33 -5.04 32.06 12.80
C LYS D 33 -6.55 31.95 12.67
N ILE D 34 -7.04 30.71 12.63
CA ILE D 34 -8.47 30.44 12.66
C ILE D 34 -8.82 29.72 13.95
N GLY D 35 -9.76 30.27 14.70
CA GLY D 35 -10.13 29.69 15.97
C GLY D 35 -10.79 28.33 15.80
N ARG D 36 -10.63 27.50 16.83
CA ARG D 36 -11.14 26.13 16.80
C ARG D 36 -12.66 26.12 16.75
N ASP D 37 -13.26 27.17 17.28
CA ASP D 37 -14.70 27.31 17.22
C ASP D 37 -15.15 27.45 15.76
N GLU D 38 -14.48 28.29 14.98
CA GLU D 38 -14.85 28.46 13.57
C GLU D 38 -14.43 27.26 12.71
N LEU D 39 -13.31 26.64 13.05
CA LEU D 39 -12.89 25.40 12.40
C LEU D 39 -13.96 24.33 12.57
N GLN D 40 -14.48 24.19 13.79
CA GLN D 40 -15.49 23.18 14.07
C GLN D 40 -16.81 23.51 13.38
N LYS D 41 -17.11 24.80 13.28
CA LYS D 41 -18.33 25.24 12.62
C LYS D 41 -18.28 24.97 11.11
N MET D 42 -17.13 25.24 10.50
CA MET D 42 -16.95 25.03 9.07
C MET D 42 -17.06 23.53 8.76
N ILE D 43 -16.48 22.71 9.64
CA ILE D 43 -16.60 21.28 9.48
C ILE D 43 -18.10 20.89 9.53
N ALA D 44 -18.84 21.40 10.52
CA ALA D 44 -20.28 21.08 10.65
C ALA D 44 -21.09 21.50 9.42
N GLU D 45 -20.79 22.68 8.91
CA GLU D 45 -21.47 23.19 7.73
C GLU D 45 -21.17 22.31 6.52
N ALA D 46 -19.91 21.90 6.39
CA ALA D 46 -19.50 21.02 5.29
C ALA D 46 -20.27 19.71 5.38
N ALA D 47 -20.48 19.26 6.61
CA ALA D 47 -21.06 17.94 6.89
C ALA D 47 -22.57 17.89 6.66
N THR D 48 -23.17 19.00 6.20
CA THR D 48 -24.54 18.94 5.65
C THR D 48 -24.60 18.12 4.36
N ALA D 49 -23.43 17.72 3.86
CA ALA D 49 -23.31 16.94 2.63
C ALA D 49 -24.12 15.65 2.69
N PRO D 50 -24.52 15.13 1.50
CA PRO D 50 -25.21 13.84 1.41
C PRO D 50 -24.25 12.70 1.65
N SER D 51 -24.77 11.49 1.86
CA SER D 51 -23.94 10.30 1.99
C SER D 51 -24.85 9.12 1.82
N ALA D 52 -24.35 8.00 1.28
CA ALA D 52 -25.19 6.81 1.13
C ALA D 52 -25.67 6.32 2.50
N CYS D 53 -26.98 6.05 2.58
CA CYS D 53 -27.66 5.61 3.81
C CYS D 53 -27.49 6.58 4.98
N ASN D 54 -27.16 7.83 4.66
CA ASN D 54 -26.83 8.87 5.63
C ASN D 54 -25.80 8.40 6.68
N LEU D 55 -24.88 7.54 6.25
CA LEU D 55 -23.86 7.03 7.16
C LEU D 55 -22.80 8.07 7.52
N GLN D 56 -22.66 9.09 6.68
CA GLN D 56 -21.76 10.21 7.01
C GLN D 56 -20.37 9.69 7.39
N SER D 57 -19.81 8.81 6.58
CA SER D 57 -18.64 8.05 6.99
C SER D 57 -17.33 8.87 6.97
N TRP D 58 -17.42 10.19 7.13
CA TRP D 58 -16.24 11.02 7.18
C TRP D 58 -15.73 11.16 8.61
N HIS D 59 -14.42 11.36 8.77
CA HIS D 59 -13.78 11.64 10.07
C HIS D 59 -12.71 12.71 9.85
N PHE D 60 -12.66 13.71 10.73
CA PHE D 60 -11.75 14.84 10.58
C PHE D 60 -10.66 14.88 11.67
N VAL D 61 -9.40 14.99 11.24
CA VAL D 61 -8.31 15.26 12.14
C VAL D 61 -7.76 16.65 11.80
N VAL D 62 -7.90 17.56 12.76
CA VAL D 62 -7.53 18.94 12.55
C VAL D 62 -6.08 19.16 12.99
N VAL D 63 -5.30 19.73 12.08
CA VAL D 63 -3.89 20.00 12.32
C VAL D 63 -3.70 21.52 12.34
N ASP D 64 -3.47 22.07 13.52
CA ASP D 64 -3.45 23.54 13.65
C ASP D 64 -2.45 24.08 14.68
N THR D 65 -1.41 23.31 15.00
CA THR D 65 -0.34 23.80 15.87
C THR D 65 1.00 23.45 15.22
N PRO D 66 2.09 24.13 15.60
CA PRO D 66 3.38 23.77 14.99
C PRO D 66 3.73 22.31 15.25
N GLU D 67 3.53 21.84 16.48
CA GLU D 67 3.86 20.47 16.83
C GLU D 67 2.98 19.43 16.09
N ALA D 68 1.72 19.77 15.88
CA ALA D 68 0.82 18.87 15.14
C ALA D 68 1.24 18.82 13.67
N LYS D 69 1.60 19.97 13.11
CA LYS D 69 2.05 20.01 11.71
C LYS D 69 3.30 19.16 11.51
N ALA D 70 4.21 19.19 12.47
CA ALA D 70 5.47 18.49 12.32
C ALA D 70 5.26 16.97 12.36
N LYS D 71 4.35 16.53 13.21
CA LYS D 71 3.93 15.12 13.24
C LYS D 71 3.23 14.76 11.92
N PHE D 72 2.24 15.58 11.55
CA PHE D 72 1.47 15.41 10.32
C PHE D 72 2.40 15.24 9.12
N LYS D 73 3.40 16.10 9.03
CA LYS D 73 4.28 16.16 7.85
C LYS D 73 5.07 14.87 7.59
N GLN D 74 5.24 14.05 8.62
CA GLN D 74 5.90 12.76 8.46
C GLN D 74 5.17 11.84 7.48
N ALA D 75 3.92 12.17 7.17
CA ALA D 75 3.10 11.35 6.26
C ALA D 75 2.67 12.14 5.02
N VAL D 76 3.21 13.35 4.87
CA VAL D 76 2.89 14.21 3.74
C VAL D 76 4.12 14.27 2.82
N MET D 77 3.90 14.18 1.51
CA MET D 77 5.02 14.28 0.57
C MET D 77 5.55 15.70 0.54
N LYS D 78 6.86 15.83 0.33
CA LYS D 78 7.56 17.09 0.54
C LYS D 78 7.03 18.23 -0.32
N PHE D 79 6.51 17.92 -1.51
CA PHE D 79 6.05 19.00 -2.39
C PHE D 79 4.76 19.69 -1.87
N ASN D 80 4.08 19.07 -0.90
CA ASN D 80 2.92 19.72 -0.26
C ASN D 80 3.29 20.38 1.08
N TYR D 81 4.57 20.46 1.41
CA TYR D 81 5.00 21.13 2.63
C TYR D 81 4.70 22.64 2.64
N PRO D 82 4.81 23.33 1.47
CA PRO D 82 4.52 24.76 1.62
C PRO D 82 3.10 25.01 2.13
N GLN D 83 2.10 24.28 1.62
CA GLN D 83 0.71 24.39 2.08
C GLN D 83 0.57 24.11 3.56
N VAL D 84 1.15 23.01 4.00
CA VAL D 84 1.00 22.61 5.40
C VAL D 84 1.69 23.60 6.32
N ASP D 85 2.89 24.05 5.97
CA ASP D 85 3.62 25.00 6.83
C ASP D 85 2.87 26.33 7.01
N SER D 86 2.34 26.87 5.91
CA SER D 86 1.81 28.22 5.93
C SER D 86 0.35 28.32 6.30
N ALA D 87 -0.38 27.20 6.22
CA ALA D 87 -1.84 27.21 6.44
C ALA D 87 -2.23 27.52 7.86
N SER D 88 -3.38 28.17 8.02
CA SER D 88 -3.93 28.40 9.35
C SER D 88 -4.28 27.05 10.00
N ALA D 89 -4.85 26.15 9.22
CA ALA D 89 -5.23 24.81 9.69
C ALA D 89 -5.31 23.83 8.53
N ILE D 90 -5.00 22.57 8.79
CA ILE D 90 -5.30 21.51 7.83
C ILE D 90 -6.38 20.63 8.46
N VAL D 91 -7.40 20.30 7.70
CA VAL D 91 -8.42 19.36 8.16
C VAL D 91 -8.21 18.10 7.36
N PHE D 92 -7.66 17.06 7.97
CA PHE D 92 -7.48 15.83 7.21
C PHE D 92 -8.75 15.00 7.25
N ILE D 93 -9.17 14.51 6.09
CA ILE D 93 -10.40 13.73 6.02
C ILE D 93 -10.09 12.25 5.82
N ALA D 94 -10.54 11.43 6.76
CA ALA D 94 -10.37 9.98 6.69
C ALA D 94 -11.73 9.30 6.60
N GLY D 95 -11.77 8.13 5.98
CA GLY D 95 -13.01 7.38 5.82
C GLY D 95 -13.18 6.30 6.87
N ASP D 96 -14.33 6.33 7.54
CA ASP D 96 -14.68 5.35 8.57
C ASP D 96 -15.35 4.13 7.96
N THR D 97 -14.59 3.06 7.75
CA THR D 97 -15.14 1.85 7.13
C THR D 97 -15.94 0.98 8.10
N GLN D 98 -16.16 1.50 9.31
CA GLN D 98 -17.08 0.85 10.26
C GLN D 98 -18.22 1.78 10.62
N SER D 99 -18.50 2.75 9.75
CA SER D 99 -19.53 3.74 10.04
C SER D 99 -20.94 3.15 10.20
N HIS D 100 -21.14 1.95 9.66
CA HIS D 100 -22.46 1.31 9.78
C HIS D 100 -22.70 0.83 11.21
N TYR D 101 -21.63 0.48 11.92
CA TYR D 101 -21.77 0.13 13.33
C TYR D 101 -22.09 1.37 14.18
N VAL D 102 -21.55 2.52 13.77
CA VAL D 102 -21.86 3.77 14.45
C VAL D 102 -23.35 4.09 14.31
N TYR D 103 -23.89 3.99 13.09
CA TYR D 103 -25.30 4.34 12.86
C TYR D 103 -26.18 3.35 13.62
N ARG D 104 -25.75 2.09 13.67
CA ARG D 104 -26.43 1.09 14.47
C ARG D 104 -26.52 1.51 15.94
N ASP D 105 -25.41 1.99 16.49
CA ASP D 105 -25.40 2.47 17.87
C ASP D 105 -26.38 3.61 18.09
N VAL D 106 -26.51 4.48 17.09
CA VAL D 106 -27.50 5.55 17.14
C VAL D 106 -28.89 4.96 17.31
N TRP D 107 -29.22 3.96 16.49
CA TRP D 107 -30.55 3.36 16.52
C TRP D 107 -30.77 2.52 17.79
N ASN D 108 -29.71 2.01 18.39
CA ASN D 108 -29.86 1.32 19.66
C ASN D 108 -30.17 2.30 20.80
N LYS D 109 -29.59 3.49 20.75
CA LYS D 109 -29.91 4.52 21.73
C LYS D 109 -31.35 5.00 21.60
N VAL D 110 -31.88 4.98 20.38
CA VAL D 110 -33.26 5.38 20.15
C VAL D 110 -34.17 4.41 20.89
N TYR D 111 -33.78 3.14 20.88
CA TYR D 111 -34.51 2.10 21.59
C TYR D 111 -34.39 2.30 23.10
N GLU D 112 -33.15 2.39 23.59
CA GLU D 112 -32.88 2.60 25.00
C GLU D 112 -33.59 3.83 25.58
N ASP D 113 -33.78 4.87 24.77
CA ASP D 113 -34.57 6.02 25.17
C ASP D 113 -36.06 5.68 25.16
N GLY D 114 -36.40 4.51 24.61
CA GLY D 114 -37.77 4.04 24.60
C GLY D 114 -38.65 4.68 23.55
N ASN D 115 -38.06 5.02 22.41
CA ASN D 115 -38.79 5.75 21.38
C ASN D 115 -39.22 4.92 20.18
N ILE D 116 -38.67 3.72 20.02
CA ILE D 116 -39.15 2.83 18.96
C ILE D 116 -39.26 1.39 19.44
N THR D 117 -40.14 0.66 18.78
CA THR D 117 -40.33 -0.77 19.01
C THR D 117 -39.04 -1.55 18.78
N LYS D 118 -38.85 -2.63 19.54
CA LYS D 118 -37.75 -3.56 19.27
C LYS D 118 -37.89 -4.09 17.86
N GLU D 119 -39.13 -4.22 17.41
CA GLU D 119 -39.42 -4.65 16.05
C GLU D 119 -39.07 -3.57 15.05
N ARG D 120 -39.38 -2.32 15.38
CA ARG D 120 -39.06 -1.19 14.51
C ARG D 120 -37.55 -1.04 14.37
N LEU D 121 -36.83 -1.18 15.49
CA LEU D 121 -35.38 -1.16 15.50
C LEU D 121 -34.81 -2.18 14.52
N ASP D 122 -35.37 -3.38 14.53
CA ASP D 122 -34.93 -4.45 13.64
C ASP D 122 -35.24 -4.15 12.18
N GLN D 123 -36.29 -3.38 11.93
CA GLN D 123 -36.63 -2.99 10.57
C GLN D 123 -35.71 -1.86 10.11
N ILE D 124 -35.36 -0.96 11.04
CA ILE D 124 -34.43 0.12 10.74
C ILE D 124 -33.05 -0.44 10.40
N LEU D 125 -32.55 -1.30 11.26
CA LEU D 125 -31.24 -1.90 11.09
C LEU D 125 -31.19 -2.73 9.80
N GLY D 126 -32.31 -3.36 9.46
CA GLY D 126 -32.37 -4.23 8.29
C GLY D 126 -32.24 -3.51 6.97
N THR D 127 -32.39 -2.19 7.00
CA THR D 127 -32.30 -1.40 5.79
C THR D 127 -30.87 -1.12 5.33
N PHE D 128 -29.88 -1.31 6.20
CA PHE D 128 -28.50 -0.99 5.83
C PHE D 128 -27.46 -1.93 6.40
N LEU D 129 -27.70 -2.42 7.62
CA LEU D 129 -26.67 -3.17 8.34
C LEU D 129 -26.28 -4.50 7.66
N PRO D 130 -27.26 -5.27 7.15
CA PRO D 130 -26.83 -6.48 6.44
C PRO D 130 -26.05 -6.16 5.18
N LEU D 131 -26.44 -5.09 4.50
CA LEU D 131 -25.77 -4.69 3.27
C LEU D 131 -24.31 -4.31 3.49
N TYR D 132 -24.05 -3.57 4.57
CA TYR D 132 -22.67 -3.13 4.82
C TYR D 132 -21.86 -4.25 5.46
N GLU D 133 -22.48 -5.01 6.36
CA GLU D 133 -21.81 -6.15 6.98
C GLU D 133 -21.41 -7.20 5.96
N ASN D 134 -22.22 -7.38 4.92
CA ASN D 134 -21.91 -8.36 3.89
C ASN D 134 -21.14 -7.76 2.71
N ALA D 135 -20.69 -6.52 2.88
CA ALA D 135 -19.94 -5.88 1.81
C ALA D 135 -18.43 -6.09 1.97
N THR D 136 -17.74 -6.16 0.82
CA THR D 136 -16.29 -6.32 0.77
C THR D 136 -15.57 -5.10 1.35
N PRO D 137 -14.33 -5.28 1.81
CA PRO D 137 -13.52 -4.12 2.23
C PRO D 137 -13.38 -3.11 1.11
N ASP D 138 -13.21 -3.58 -0.14
CA ASP D 138 -13.10 -2.67 -1.28
C ASP D 138 -14.33 -1.79 -1.40
N PHE D 139 -15.51 -2.38 -1.19
CA PHE D 139 -16.75 -1.63 -1.28
C PHE D 139 -16.89 -0.61 -0.14
N LEU D 140 -16.56 -1.03 1.07
CA LEU D 140 -16.61 -0.14 2.21
C LEU D 140 -15.68 1.06 2.01
N LYS D 141 -14.46 0.78 1.56
CA LYS D 141 -13.48 1.82 1.26
C LYS D 141 -14.01 2.75 0.17
N PHE D 142 -14.63 2.17 -0.85
CA PHE D 142 -15.20 2.92 -1.98
C PHE D 142 -16.29 3.89 -1.49
N ASP D 143 -17.28 3.38 -0.78
CA ASP D 143 -18.35 4.22 -0.28
C ASP D 143 -17.84 5.33 0.65
N ALA D 144 -16.92 4.99 1.54
CA ALA D 144 -16.43 5.99 2.49
C ALA D 144 -15.61 7.06 1.74
N THR D 145 -14.95 6.64 0.67
CA THR D 145 -14.15 7.58 -0.12
C THR D 145 -15.05 8.62 -0.77
N ILE D 146 -16.17 8.17 -1.34
CA ILE D 146 -17.17 9.06 -1.90
C ILE D 146 -17.69 10.05 -0.84
N ASP D 147 -18.08 9.52 0.31
CA ASP D 147 -18.50 10.36 1.43
C ASP D 147 -17.44 11.43 1.76
N CYS D 148 -16.20 11.00 1.92
CA CYS D 148 -15.14 11.96 2.25
C CYS D 148 -14.94 12.99 1.15
N SER D 149 -15.15 12.58 -0.09
CA SER D 149 -14.97 13.48 -1.21
C SER D 149 -16.05 14.55 -1.27
N VAL D 150 -17.31 14.16 -1.07
CA VAL D 150 -18.36 15.17 -1.17
C VAL D 150 -18.30 16.15 0.00
N VAL D 151 -17.94 15.68 1.19
CA VAL D 151 -17.84 16.62 2.30
C VAL D 151 -16.56 17.45 2.13
N GLY D 152 -15.53 16.84 1.56
CA GLY D 152 -14.33 17.59 1.22
C GLY D 152 -14.64 18.74 0.28
N MET D 153 -15.39 18.46 -0.80
CA MET D 153 -15.81 19.51 -1.73
C MET D 153 -16.57 20.61 -1.02
N GLN D 154 -17.50 20.25 -0.11
CA GLN D 154 -18.29 21.27 0.58
C GLN D 154 -17.40 22.11 1.50
N LEU D 155 -16.42 21.47 2.14
CA LEU D 155 -15.51 22.22 3.02
C LEU D 155 -14.67 23.23 2.23
N LEU D 156 -14.25 22.86 1.02
CA LEU D 156 -13.53 23.79 0.16
C LEU D 156 -14.37 25.05 -0.06
N LEU D 157 -15.69 24.87 -0.19
CA LEU D 157 -16.59 25.99 -0.52
C LEU D 157 -16.96 26.78 0.74
N VAL D 158 -17.24 26.04 1.79
CA VAL D 158 -17.49 26.63 3.10
C VAL D 158 -16.31 27.52 3.52
N ALA D 159 -15.08 27.06 3.28
CA ALA D 159 -13.92 27.87 3.65
C ALA D 159 -13.98 29.23 2.96
N ARG D 160 -14.34 29.26 1.68
CA ARG D 160 -14.42 30.51 0.94
C ARG D 160 -15.59 31.36 1.40
N ALA D 161 -16.70 30.71 1.72
CA ALA D 161 -17.84 31.39 2.31
C ALA D 161 -17.48 32.05 3.66
N HIS D 162 -16.45 31.55 4.33
CA HIS D 162 -16.00 32.13 5.59
C HIS D 162 -14.87 33.15 5.37
N GLY D 163 -14.59 33.46 4.11
CA GLY D 163 -13.61 34.49 3.79
C GLY D 163 -12.20 33.97 3.70
N TYR D 164 -12.06 32.65 3.60
CA TYR D 164 -10.74 32.06 3.47
C TYR D 164 -10.55 31.44 2.09
N ASP D 165 -9.44 30.74 1.93
CA ASP D 165 -9.21 29.92 0.76
C ASP D 165 -8.64 28.57 1.17
N ALA D 166 -8.56 27.65 0.21
CA ALA D 166 -8.12 26.31 0.53
C ALA D 166 -7.46 25.57 -0.62
N ASN D 167 -6.79 24.48 -0.26
CA ASN D 167 -6.22 23.53 -1.20
C ASN D 167 -6.50 22.12 -0.71
N ALA D 168 -7.17 21.33 -1.55
CA ALA D 168 -7.31 19.90 -1.27
C ALA D 168 -6.05 19.21 -1.73
N PHE D 169 -5.53 18.29 -0.93
CA PHE D 169 -4.35 17.57 -1.36
C PHE D 169 -4.36 16.10 -0.94
N SER D 170 -3.80 15.25 -1.80
CA SER D 170 -3.75 13.82 -1.52
C SER D 170 -2.35 13.29 -1.79
N GLY D 171 -1.41 14.21 -1.98
CA GLY D 171 -0.02 13.84 -2.14
C GLY D 171 0.56 13.46 -0.80
N ILE D 172 0.24 12.25 -0.35
CA ILE D 172 0.59 11.80 0.99
C ILE D 172 1.16 10.39 0.99
N ASP D 173 1.61 9.97 2.15
CA ASP D 173 2.02 8.59 2.39
C ASP D 173 0.81 7.80 2.88
N PHE D 174 0.15 7.09 1.96
CA PHE D 174 -1.11 6.43 2.29
C PHE D 174 -0.96 5.29 3.28
N GLU D 175 0.26 4.83 3.52
CA GLU D 175 0.44 3.75 4.49
C GLU D 175 0.82 4.30 5.87
N LYS D 176 1.43 5.48 5.91
CA LYS D 176 1.84 6.09 7.17
C LYS D 176 0.79 7.02 7.79
N MET D 177 -0.10 7.56 6.97
CA MET D 177 -0.95 8.67 7.42
C MET D 177 -1.88 8.33 8.59
N ILE D 178 -2.67 7.26 8.46
CA ILE D 178 -3.64 7.00 9.51
C ILE D 178 -2.96 6.75 10.88
N PRO D 179 -1.90 5.91 10.93
CA PRO D 179 -1.29 5.82 12.27
C PRO D 179 -0.52 7.08 12.67
N THR D 180 -0.06 7.87 11.70
CA THR D 180 0.58 9.14 12.03
C THR D 180 -0.44 10.04 12.73
N LEU D 181 -1.71 9.93 12.32
CA LEU D 181 -2.77 10.72 12.95
C LEU D 181 -3.30 10.08 14.24
N GLY D 182 -2.76 8.92 14.61
CA GLY D 182 -3.17 8.23 15.82
C GLY D 182 -4.48 7.47 15.67
N LEU D 183 -4.93 7.26 14.45
CA LEU D 183 -6.19 6.56 14.23
C LEU D 183 -5.97 5.06 14.02
N ASP D 184 -7.03 4.27 14.19
CA ASP D 184 -6.97 2.82 13.95
C ASP D 184 -6.93 2.48 12.45
N PRO D 185 -5.78 2.00 11.97
CA PRO D 185 -5.59 1.76 10.53
C PRO D 185 -6.39 0.56 10.01
N LYS D 186 -7.02 -0.19 10.91
CA LYS D 186 -7.91 -1.26 10.48
C LYS D 186 -9.26 -0.66 10.15
N ARG D 187 -9.51 0.54 10.64
CA ARG D 187 -10.83 1.13 10.56
C ARG D 187 -10.91 2.26 9.55
N TYR D 188 -9.90 3.12 9.55
CA TYR D 188 -9.95 4.37 8.79
C TYR D 188 -9.07 4.35 7.55
N VAL D 189 -9.57 4.94 6.47
CA VAL D 189 -8.79 5.07 5.25
C VAL D 189 -8.53 6.54 4.94
N PRO D 190 -7.28 6.86 4.60
CA PRO D 190 -6.92 8.26 4.30
C PRO D 190 -7.48 8.69 2.94
N VAL D 191 -8.02 9.89 2.83
CA VAL D 191 -8.56 10.32 1.55
C VAL D 191 -7.91 11.60 1.09
N MET D 192 -8.08 12.68 1.84
CA MET D 192 -7.45 13.94 1.46
C MET D 192 -7.28 14.88 2.64
N GLY D 193 -6.33 15.79 2.50
CA GLY D 193 -6.20 16.90 3.43
C GLY D 193 -6.82 18.12 2.80
N ILE D 194 -7.36 18.99 3.66
CA ILE D 194 -7.83 20.29 3.23
C ILE D 194 -7.04 21.36 3.98
N ALA D 195 -6.09 22.02 3.29
CA ALA D 195 -5.35 23.13 3.90
C ALA D 195 -6.17 24.41 3.79
N ILE D 196 -6.34 25.12 4.91
CA ILE D 196 -7.19 26.33 4.95
C ILE D 196 -6.43 27.55 5.48
N GLY D 197 -6.61 28.69 4.82
CA GLY D 197 -5.99 29.92 5.30
C GLY D 197 -6.41 31.13 4.46
N LYS D 198 -5.79 32.28 4.73
CA LYS D 198 -5.93 33.43 3.85
C LYS D 198 -4.83 33.37 2.81
N ALA D 199 -5.15 33.62 1.55
CA ALA D 199 -4.17 33.55 0.48
C ALA D 199 -3.07 34.59 0.62
N ALA D 200 -1.81 34.16 0.52
CA ALA D 200 -0.68 35.08 0.57
C ALA D 200 -0.28 35.56 -0.82
N GLN D 201 -0.72 34.85 -1.86
CA GLN D 201 -0.50 35.34 -3.21
C GLN D 201 -1.56 34.89 -4.21
N GLU D 202 -1.61 35.60 -5.33
CA GLU D 202 -2.50 35.28 -6.44
C GLU D 202 -2.35 33.82 -6.84
N PRO D 203 -3.43 33.04 -6.74
CA PRO D 203 -3.43 31.61 -7.11
C PRO D 203 -3.31 31.37 -8.61
N LEU D 204 -2.69 30.25 -8.96
CA LEU D 204 -2.65 29.77 -10.34
C LEU D 204 -4.07 29.54 -10.88
N HIS D 205 -4.42 30.22 -11.97
CA HIS D 205 -5.75 30.06 -12.52
C HIS D 205 -5.72 29.03 -13.63
N THR D 206 -6.45 27.92 -13.42
CA THR D 206 -6.37 26.77 -14.31
C THR D 206 -7.50 26.75 -15.36
N THR D 207 -7.39 25.84 -16.31
CA THR D 207 -8.44 25.70 -17.31
C THR D 207 -9.22 24.40 -17.10
N ARG D 208 -10.33 24.27 -17.82
CA ARG D 208 -11.08 23.01 -17.88
C ARG D 208 -11.28 22.60 -19.33
N TYR D 209 -11.48 21.32 -19.55
CA TYR D 209 -11.93 20.84 -20.84
C TYR D 209 -13.25 21.48 -21.20
N ASP D 210 -13.49 21.61 -22.50
CA ASP D 210 -14.83 21.76 -23.00
C ASP D 210 -15.63 20.54 -22.50
N ALA D 211 -16.62 20.78 -21.65
CA ALA D 211 -17.34 19.65 -21.01
C ALA D 211 -18.11 18.76 -22.00
N LYS D 212 -18.31 19.25 -23.23
CA LYS D 212 -19.00 18.43 -24.22
C LYS D 212 -18.15 17.22 -24.58
N THR D 213 -16.83 17.36 -24.51
CA THR D 213 -15.92 16.24 -24.75
C THR D 213 -16.11 15.11 -23.74
N GLN D 214 -16.68 15.44 -22.58
CA GLN D 214 -16.79 14.46 -21.51
C GLN D 214 -18.23 14.00 -21.29
N THR D 215 -19.10 14.35 -22.24
CA THR D 215 -20.53 14.11 -22.06
C THR D 215 -21.11 13.27 -23.20
N ASP D 216 -21.96 12.31 -22.88
CA ASP D 216 -22.70 11.55 -23.88
C ASP D 216 -24.19 11.66 -23.59
N PHE D 217 -25.03 11.80 -24.62
CA PHE D 217 -26.46 11.64 -24.42
C PHE D 217 -26.85 10.23 -24.83
N LEU D 218 -27.43 9.50 -23.88
CA LEU D 218 -27.70 8.07 -24.09
C LEU D 218 -28.74 7.88 -25.18
N ALA D 219 -29.76 8.72 -25.20
CA ALA D 219 -30.65 8.76 -26.36
C ALA D 219 -31.13 10.19 -26.60
N1 FMN E . 30.49 -8.36 6.82
C2 FMN E . 31.39 -7.37 6.47
O2 FMN E . 32.58 -7.51 6.71
N3 FMN E . 30.98 -6.20 5.83
C4 FMN E . 29.65 -6.04 5.54
O4 FMN E . 29.27 -4.99 4.97
C4A FMN E . 28.74 -7.03 5.89
N5 FMN E . 27.41 -6.87 5.60
C5A FMN E . 26.50 -7.86 5.91
C6 FMN E . 25.17 -7.64 5.56
C7 FMN E . 24.23 -8.61 5.85
C7M FMN E . 22.80 -8.37 5.49
C8 FMN E . 24.61 -9.79 6.48
C8M FMN E . 23.56 -10.81 6.78
C9 FMN E . 25.95 -10.00 6.82
C9A FMN E . 26.91 -9.03 6.54
N10 FMN E . 28.26 -9.20 6.86
C10 FMN E . 29.16 -8.20 6.53
C1' FMN E . 28.80 -10.43 7.55
C2' FMN E . 28.48 -10.38 9.07
O2' FMN E . 29.32 -9.49 9.79
C3' FMN E . 28.61 -11.75 9.76
O3' FMN E . 27.67 -12.61 9.16
C4' FMN E . 28.32 -11.74 11.28
O4' FMN E . 29.30 -11.04 12.01
C5' FMN E . 28.29 -13.19 11.76
O5' FMN E . 29.54 -13.76 11.46
P FMN E . 29.67 -15.10 10.59
O1P FMN E . 31.14 -15.39 10.35
O2P FMN E . 29.02 -16.28 11.28
O3P FMN E . 29.02 -14.85 9.24
N1 FMN F . 2.91 -19.84 0.36
C2 FMN F . 1.57 -19.76 0.68
O2 FMN F . 0.84 -20.71 0.40
N3 FMN F . 1.02 -18.66 1.30
C4 FMN F . 1.82 -17.59 1.60
O4 FMN F . 1.35 -16.60 2.15
C4A FMN F . 3.17 -17.66 1.28
N5 FMN F . 3.97 -16.60 1.60
C5A FMN F . 5.32 -16.66 1.31
C6 FMN F . 6.11 -15.57 1.65
C7 FMN F . 7.47 -15.60 1.38
C7M FMN F . 8.30 -14.41 1.78
C8 FMN F . 8.03 -16.72 0.76
C8M FMN F . 9.49 -16.77 0.44
C9 FMN F . 7.22 -17.81 0.40
C9A FMN F . 5.86 -17.78 0.68
N10 FMN F . 5.05 -18.84 0.35
C10 FMN F . 3.72 -18.78 0.67
C1' FMN F . 5.57 -20.08 -0.35
C2' FMN F . 5.67 -19.76 -1.87
O2' FMN F . 4.40 -19.71 -2.55
C3' FMN F . 6.56 -20.76 -2.59
O3' FMN F . 7.84 -20.76 -2.01
C4' FMN F . 6.77 -20.51 -4.09
O4' FMN F . 5.53 -20.60 -4.80
C5' FMN F . 7.75 -21.57 -4.59
O5' FMN F . 7.24 -22.85 -4.26
P FMN F . 8.14 -23.88 -3.41
O1P FMN F . 9.50 -24.04 -4.07
O2P FMN F . 7.45 -25.22 -3.22
O3P FMN F . 8.34 -23.27 -2.04
N1 FMN G . -30.68 7.90 -1.99
C2 FMN G . -31.53 6.90 -2.48
O2 FMN G . -32.74 6.95 -2.26
N3 FMN G . -31.03 5.83 -3.18
C4 FMN G . -29.69 5.73 -3.44
O4 FMN G . -29.27 4.76 -4.10
C4A FMN G . -28.83 6.74 -2.95
N5 FMN G . -27.48 6.67 -3.18
C5A FMN G . -26.63 7.65 -2.75
C6 FMN G . -25.28 7.51 -3.04
C7 FMN G . -24.39 8.47 -2.60
C7M FMN G . -22.93 8.30 -2.95
C8 FMN G . -24.83 9.57 -1.89
C8M FMN G . -23.85 10.61 -1.43
C9 FMN G . -26.19 9.72 -1.59
C9A FMN G . -27.11 8.74 -2.02
N10 FMN G . -28.48 8.82 -1.75
C10 FMN G . -29.33 7.83 -2.23
C1' FMN G . -29.03 9.98 -0.97
C2' FMN G . -28.75 9.76 0.54
O2' FMN G . -29.57 8.74 1.08
C3' FMN G . -28.99 11.05 1.32
O3' FMN G . -28.14 12.07 0.79
C4' FMN G . -28.70 10.94 2.83
O4' FMN G . -29.65 10.14 3.49
C5' FMN G . -28.77 12.33 3.42
O5' FMN G . -30.03 12.88 3.12
P FMN G . -30.12 14.31 2.39
O1P FMN G . -29.45 14.12 1.03
O2P FMN G . -29.41 15.35 3.19
O3P FMN G . -31.55 14.71 2.14
N1 FMN H . -2.73 20.24 -5.25
C2 FMN H . -1.41 20.18 -4.81
O2 FMN H . -0.66 21.14 -4.96
N3 FMN H . -0.92 19.05 -4.21
C4 FMN H . -1.75 17.96 -4.02
O4 FMN H . -1.34 16.94 -3.51
C4A FMN H . -3.08 18.02 -4.47
N5 FMN H . -3.88 16.93 -4.29
C5A FMN H . -5.20 16.98 -4.68
C6 FMN H . -5.99 15.85 -4.46
C7 FMN H . -7.31 15.86 -4.84
C7M FMN H . -8.15 14.65 -4.59
C8 FMN H . -7.84 17.00 -5.45
C8M FMN H . -9.28 17.03 -5.89
C9 FMN H . -7.05 18.11 -5.68
C9A FMN H . -5.71 18.11 -5.30
N10 FMN H . -4.89 19.23 -5.50
C10 FMN H . -3.57 19.17 -5.07
C1' FMN H . -5.41 20.48 -6.16
C2' FMN H . -5.44 20.30 -7.70
O2' FMN H . -4.14 20.33 -8.26
C3' FMN H . -6.31 21.38 -8.36
O3' FMN H . -7.64 21.30 -7.88
C4' FMN H . -6.33 21.34 -9.91
O4' FMN H . -5.07 21.62 -10.45
C5' FMN H . -7.33 22.40 -10.35
O5' FMN H . -6.92 23.67 -9.87
P FMN H . -7.96 24.56 -9.06
O1P FMN H . -9.25 24.72 -9.82
O2P FMN H . -7.34 25.91 -8.72
O3P FMN H . -8.28 23.83 -7.75
#